data_6VC3
#
_entry.id   6VC3
#
_cell.length_a   76.190
_cell.length_b   125.418
_cell.length_c   128.112
_cell.angle_alpha   90.000
_cell.angle_beta   90.000
_cell.angle_gamma   90.000
#
_symmetry.space_group_name_H-M   'P 2 21 21'
#
loop_
_entity.id
_entity.type
_entity.pdbx_description
1 polymer 'Galactose-binding lectin'
2 non-polymer '6-S-(prop-2-yn-1-yl)-6-thio-beta-D-glucopyranosyl 1-thio-beta-D-galactopyranoside'
3 non-polymer 'MANGANESE (II) ION'
4 non-polymer 'CALCIUM ION'
5 water water
#
_entity_poly.entity_id   1
_entity_poly.type   'polypeptide(L)'
_entity_poly.pdbx_seq_one_letter_code
;AETVSFNFNSFSEGNPAINFQGDVTVLSNGNIQLTNLNKVNSVGRVLYAMPVRIWSSATGNVASFLTSFSFEMKDIKDYD
PADGIIFFIAPEDTQIPAGSIGGGTLGVSDTKGAGHFVGVEFDTYSNSEYNDPPTDHVGIDVNSVDSVKTVPWNSVSGAV
VKVTVIYDSSTKTLSVAVTNDNGDITTIAQVVDLKAKLPERVKFGFSASGSLGGRQIHLIRSWSFTSTLITTTRRS
;
_entity_poly.pdbx_strand_id   A,B,C,D
#
loop_
_chem_comp.id
_chem_comp.type
_chem_comp.name
_chem_comp.formula
CA non-polymer 'CALCIUM ION' 'Ca 2'
MN non-polymer 'MANGANESE (II) ION' 'Mn 2'
QWJ non-polymer '6-S-(prop-2-yn-1-yl)-6-thio-beta-D-glucopyranosyl 1-thio-beta-D-galactopyranoside' 'C15 H24 O9 S2'
#
# COMPACT_ATOMS: atom_id res chain seq x y z
N ALA A 1 -11.19 -4.36 11.13
CA ALA A 1 -11.63 -4.78 9.80
C ALA A 1 -10.63 -5.75 9.16
N GLU A 2 -11.15 -6.72 8.37
CA GLU A 2 -10.39 -7.77 7.68
C GLU A 2 -10.19 -7.37 6.21
N THR A 3 -8.93 -7.15 5.79
CA THR A 3 -8.61 -6.73 4.43
C THR A 3 -7.65 -7.68 3.70
N VAL A 4 -7.96 -7.94 2.43
CA VAL A 4 -7.15 -8.73 1.49
C VAL A 4 -6.68 -7.75 0.41
N SER A 5 -5.34 -7.64 0.23
CA SER A 5 -4.79 -6.72 -0.76
C SER A 5 -3.59 -7.34 -1.49
N PHE A 6 -3.56 -7.22 -2.83
CA PHE A 6 -2.49 -7.73 -3.70
C PHE A 6 -2.34 -6.88 -4.97
N ASN A 7 -1.19 -6.98 -5.61
CA ASN A 7 -0.87 -6.25 -6.82
C ASN A 7 0.07 -7.08 -7.70
N PHE A 8 -0.33 -7.28 -8.97
CA PHE A 8 0.42 -7.98 -9.99
C PHE A 8 0.69 -7.05 -11.17
N ASN A 9 1.93 -6.67 -11.35
CA ASN A 9 2.38 -5.82 -12.46
C ASN A 9 2.80 -6.71 -13.61
N SER A 10 3.14 -7.95 -13.26
CA SER A 10 3.59 -9.04 -14.11
C SER A 10 3.22 -10.37 -13.45
N PHE A 11 3.39 -11.45 -14.19
CA PHE A 11 3.09 -12.77 -13.67
C PHE A 11 4.28 -13.71 -13.95
N SER A 12 4.39 -14.75 -13.14
CA SER A 12 5.44 -15.76 -13.26
C SER A 12 4.90 -17.15 -12.98
N GLU A 13 5.41 -18.16 -13.71
CA GLU A 13 5.10 -19.57 -13.49
C GLU A 13 5.74 -19.95 -12.15
N GLY A 14 5.07 -20.77 -11.35
CA GLY A 14 5.65 -21.17 -10.07
C GLY A 14 5.40 -20.22 -8.92
N ASN A 15 4.74 -19.07 -9.19
CA ASN A 15 4.33 -18.09 -8.16
C ASN A 15 3.19 -18.76 -7.39
N PRO A 16 3.35 -19.04 -6.07
CA PRO A 16 2.30 -19.75 -5.33
C PRO A 16 1.01 -18.93 -5.12
N ALA A 17 1.00 -17.59 -5.42
CA ALA A 17 -0.21 -16.74 -5.29
C ALA A 17 -1.25 -17.01 -6.37
N ILE A 18 -0.81 -17.71 -7.42
CA ILE A 18 -1.67 -17.97 -8.60
C ILE A 18 -1.86 -19.46 -8.90
N ASN A 19 -3.12 -19.89 -8.96
CA ASN A 19 -3.53 -21.23 -9.37
C ASN A 19 -3.77 -21.21 -10.87
N PHE A 20 -3.08 -22.08 -11.61
CA PHE A 20 -3.24 -22.19 -13.06
C PHE A 20 -4.12 -23.40 -13.38
N GLN A 21 -5.14 -23.20 -14.20
CA GLN A 21 -6.09 -24.24 -14.60
C GLN A 21 -6.20 -24.33 -16.12
N GLY A 22 -6.21 -25.55 -16.64
CA GLY A 22 -6.33 -25.80 -18.08
C GLY A 22 -5.12 -25.40 -18.89
N ASP A 23 -5.36 -24.67 -20.00
CA ASP A 23 -4.37 -24.33 -21.03
C ASP A 23 -3.62 -23.00 -20.79
N VAL A 24 -3.52 -22.54 -19.53
CA VAL A 24 -2.84 -21.28 -19.26
C VAL A 24 -1.33 -21.45 -19.27
N THR A 25 -0.66 -20.49 -19.93
CA THR A 25 0.79 -20.35 -19.97
C THR A 25 1.17 -18.93 -19.54
N VAL A 26 2.45 -18.74 -19.18
CA VAL A 26 2.98 -17.42 -18.82
C VAL A 26 4.04 -17.11 -19.87
N LEU A 27 3.87 -15.98 -20.59
CA LEU A 27 4.79 -15.51 -21.61
C LEU A 27 6.02 -14.89 -20.94
N SER A 28 7.13 -14.76 -21.70
CA SER A 28 8.40 -14.22 -21.21
C SER A 28 8.27 -12.77 -20.72
N ASN A 29 7.33 -11.98 -21.30
CA ASN A 29 7.08 -10.58 -20.91
C ASN A 29 6.31 -10.48 -19.57
N GLY A 30 5.84 -11.60 -19.05
CA GLY A 30 5.10 -11.65 -17.80
C GLY A 30 3.60 -11.72 -17.95
N ASN A 31 3.10 -11.65 -19.20
CA ASN A 31 1.67 -11.76 -19.50
C ASN A 31 1.19 -13.20 -19.34
N ILE A 32 -0.05 -13.34 -18.91
CA ILE A 32 -0.74 -14.62 -18.80
C ILE A 32 -1.51 -14.81 -20.09
N GLN A 33 -1.26 -15.92 -20.80
CA GLN A 33 -2.01 -16.28 -22.02
C GLN A 33 -2.97 -17.39 -21.62
N LEU A 34 -4.27 -17.08 -21.61
CA LEU A 34 -5.29 -18.00 -21.12
C LEU A 34 -5.66 -19.15 -22.12
N THR A 35 -5.60 -18.97 -23.46
CA THR A 35 -5.95 -20.12 -24.33
C THR A 35 -4.79 -20.65 -25.21
N ASN A 36 -4.85 -21.95 -25.53
CA ASN A 36 -3.91 -22.67 -26.44
C ASN A 36 -4.45 -22.52 -27.86
N LEU A 37 -3.71 -21.76 -28.69
CA LEU A 37 -4.09 -21.42 -30.07
C LEU A 37 -4.14 -22.63 -31.03
N ASN A 38 -3.56 -23.79 -30.63
CA ASN A 38 -3.53 -25.01 -31.45
C ASN A 38 -4.48 -26.12 -30.94
N LYS A 39 -5.23 -25.85 -29.85
CA LYS A 39 -6.18 -26.77 -29.22
C LYS A 39 -7.64 -26.39 -29.49
N VAL A 40 -8.48 -27.43 -29.75
CA VAL A 40 -9.92 -27.31 -29.97
C VAL A 40 -10.60 -27.18 -28.60
N ASN A 41 -11.59 -26.27 -28.46
CA ASN A 41 -12.36 -26.03 -27.23
C ASN A 41 -11.40 -25.75 -26.06
N SER A 42 -10.38 -24.91 -26.35
CA SER A 42 -9.36 -24.50 -25.40
C SER A 42 -9.99 -23.66 -24.29
N VAL A 43 -9.65 -23.98 -23.03
CA VAL A 43 -10.12 -23.30 -21.83
C VAL A 43 -8.90 -23.08 -20.90
N GLY A 44 -8.71 -21.85 -20.46
CA GLY A 44 -7.67 -21.47 -19.52
C GLY A 44 -8.21 -20.57 -18.42
N ARG A 45 -7.83 -20.87 -17.15
CA ARG A 45 -8.27 -20.06 -16.02
C ARG A 45 -7.11 -19.80 -15.03
N VAL A 46 -7.09 -18.59 -14.45
CA VAL A 46 -6.14 -18.21 -13.41
C VAL A 46 -6.92 -17.74 -12.17
N LEU A 47 -6.57 -18.27 -11.01
CA LEU A 47 -7.21 -17.88 -9.76
C LEU A 47 -6.20 -17.37 -8.73
N TYR A 48 -6.64 -16.42 -7.89
CA TYR A 48 -5.83 -15.98 -6.77
C TYR A 48 -5.93 -17.15 -5.78
N ALA A 49 -4.78 -17.70 -5.38
CA ALA A 49 -4.68 -18.95 -4.60
C ALA A 49 -5.34 -18.89 -3.23
N MET A 50 -5.33 -17.74 -2.60
CA MET A 50 -5.92 -17.59 -1.28
C MET A 50 -7.43 -17.35 -1.37
N PRO A 51 -8.25 -18.14 -0.65
CA PRO A 51 -9.70 -17.89 -0.65
C PRO A 51 -10.00 -16.57 0.08
N VAL A 52 -10.97 -15.81 -0.41
CA VAL A 52 -11.32 -14.53 0.19
C VAL A 52 -12.65 -14.69 0.90
N ARG A 53 -12.70 -14.35 2.19
CA ARG A 53 -13.92 -14.41 2.98
C ARG A 53 -14.74 -13.16 2.60
N ILE A 54 -15.69 -13.31 1.65
CA ILE A 54 -16.49 -12.17 1.16
C ILE A 54 -17.63 -11.81 2.09
N TRP A 55 -18.07 -12.75 2.96
CA TRP A 55 -19.14 -12.49 3.91
C TRP A 55 -19.05 -13.48 5.12
N SER A 56 -19.63 -13.08 6.26
CA SER A 56 -19.62 -13.86 7.48
C SER A 56 -21.02 -14.22 7.94
N SER A 57 -21.22 -15.50 8.25
CA SER A 57 -22.46 -16.07 8.78
C SER A 57 -22.63 -15.66 10.25
N ALA A 58 -21.52 -15.28 10.91
CA ALA A 58 -21.48 -14.83 12.30
C ALA A 58 -22.02 -13.40 12.49
N THR A 59 -21.60 -12.43 11.62
CA THR A 59 -22.04 -11.04 11.76
C THR A 59 -23.11 -10.63 10.75
N GLY A 60 -23.16 -11.31 9.60
CA GLY A 60 -24.07 -10.99 8.51
C GLY A 60 -23.50 -9.92 7.57
N ASN A 61 -22.28 -9.42 7.88
CA ASN A 61 -21.58 -8.39 7.13
C ASN A 61 -21.02 -8.95 5.81
N VAL A 62 -21.09 -8.12 4.76
CA VAL A 62 -20.60 -8.41 3.40
C VAL A 62 -19.42 -7.47 3.10
N ALA A 63 -18.38 -7.97 2.45
CA ALA A 63 -17.20 -7.17 2.09
C ALA A 63 -17.49 -6.29 0.88
N SER A 64 -16.76 -5.17 0.78
CA SER A 64 -16.72 -4.30 -0.38
C SER A 64 -15.40 -4.58 -1.03
N PHE A 65 -15.30 -4.45 -2.35
CA PHE A 65 -14.02 -4.67 -3.01
C PHE A 65 -13.78 -3.65 -4.17
N LEU A 66 -12.50 -3.39 -4.44
CA LEU A 66 -12.01 -2.55 -5.52
C LEU A 66 -10.93 -3.32 -6.27
N THR A 67 -11.15 -3.52 -7.56
CA THR A 67 -10.18 -4.24 -8.36
C THR A 67 -9.98 -3.54 -9.71
N SER A 68 -8.74 -3.60 -10.19
CA SER A 68 -8.33 -3.07 -11.49
C SER A 68 -7.48 -4.09 -12.23
N PHE A 69 -7.70 -4.20 -13.53
CA PHE A 69 -6.92 -5.13 -14.36
C PHE A 69 -6.82 -4.63 -15.78
N SER A 70 -5.87 -5.20 -16.53
CA SER A 70 -5.64 -4.90 -17.94
C SER A 70 -5.51 -6.20 -18.73
N PHE A 71 -6.16 -6.22 -19.90
CA PHE A 71 -6.15 -7.37 -20.78
C PHE A 71 -5.92 -6.95 -22.23
N GLU A 72 -5.62 -7.96 -23.07
CA GLU A 72 -5.45 -7.79 -24.52
C GLU A 72 -6.03 -8.96 -25.26
N MET A 73 -6.81 -8.68 -26.30
CA MET A 73 -7.35 -9.68 -27.19
C MET A 73 -6.84 -9.35 -28.58
N LYS A 74 -6.23 -10.34 -29.23
CA LYS A 74 -5.64 -10.15 -30.55
C LYS A 74 -6.07 -11.27 -31.50
N ASP A 75 -6.53 -10.89 -32.70
CA ASP A 75 -6.94 -11.79 -33.77
C ASP A 75 -5.77 -12.63 -34.24
N ILE A 76 -6.07 -13.89 -34.62
CA ILE A 76 -5.06 -14.79 -35.20
C ILE A 76 -5.54 -15.13 -36.61
N LYS A 77 -4.58 -15.29 -37.55
CA LYS A 77 -4.87 -15.57 -38.95
C LYS A 77 -5.77 -16.79 -39.11
N ASP A 78 -6.77 -16.69 -40.02
CA ASP A 78 -7.73 -17.73 -40.45
C ASP A 78 -8.84 -18.04 -39.44
N TYR A 79 -8.60 -17.90 -38.13
CA TYR A 79 -9.62 -18.19 -37.12
C TYR A 79 -10.47 -16.97 -36.78
N ASP A 80 -11.75 -17.25 -36.43
CA ASP A 80 -12.76 -16.29 -35.99
C ASP A 80 -12.36 -15.77 -34.61
N PRO A 81 -12.15 -14.44 -34.41
CA PRO A 81 -11.72 -13.93 -33.08
C PRO A 81 -12.77 -14.23 -32.01
N ALA A 82 -12.54 -15.34 -31.28
CA ALA A 82 -13.47 -15.83 -30.26
C ALA A 82 -12.71 -16.53 -29.12
N ASP A 83 -13.25 -16.60 -27.88
CA ASP A 83 -14.61 -16.21 -27.51
C ASP A 83 -14.72 -15.05 -26.53
N GLY A 84 -13.64 -14.74 -25.83
CA GLY A 84 -13.59 -13.65 -24.88
C GLY A 84 -13.03 -14.03 -23.53
N ILE A 85 -12.98 -13.06 -22.64
CA ILE A 85 -12.48 -13.20 -21.26
C ILE A 85 -13.61 -12.89 -20.26
N ILE A 86 -13.65 -13.63 -19.15
CA ILE A 86 -14.57 -13.38 -18.06
C ILE A 86 -13.75 -13.25 -16.74
N PHE A 87 -14.00 -12.15 -16.00
CA PHE A 87 -13.46 -11.92 -14.66
C PHE A 87 -14.50 -12.53 -13.77
N PHE A 88 -14.15 -13.50 -12.93
CA PHE A 88 -15.20 -14.17 -12.18
C PHE A 88 -14.86 -14.41 -10.73
N ILE A 89 -15.91 -14.75 -9.97
CA ILE A 89 -15.91 -15.05 -8.54
C ILE A 89 -16.68 -16.35 -8.40
N ALA A 90 -16.12 -17.33 -7.69
CA ALA A 90 -16.75 -18.65 -7.56
C ALA A 90 -16.37 -19.34 -6.22
N PRO A 91 -17.05 -20.45 -5.79
CA PRO A 91 -16.63 -21.14 -4.55
C PRO A 91 -15.16 -21.60 -4.63
N GLU A 92 -14.43 -21.60 -3.50
CA GLU A 92 -12.99 -21.91 -3.46
C GLU A 92 -12.59 -23.24 -4.16
N ASP A 93 -13.50 -24.23 -4.25
CA ASP A 93 -13.23 -25.53 -4.88
C ASP A 93 -13.44 -25.52 -6.41
N THR A 94 -13.76 -24.35 -7.00
CA THR A 94 -14.05 -24.20 -8.44
C THR A 94 -12.95 -24.81 -9.35
N GLN A 95 -13.42 -25.50 -10.39
CA GLN A 95 -12.63 -26.15 -11.43
C GLN A 95 -13.28 -25.90 -12.77
N ILE A 96 -12.53 -26.08 -13.87
CA ILE A 96 -13.12 -25.99 -15.23
C ILE A 96 -14.26 -27.02 -15.29
N PRO A 97 -15.52 -26.64 -15.66
CA PRO A 97 -16.61 -27.65 -15.71
C PRO A 97 -16.21 -28.91 -16.48
N ALA A 98 -16.48 -30.09 -15.90
CA ALA A 98 -16.14 -31.39 -16.50
C ALA A 98 -16.76 -31.55 -17.90
N GLY A 99 -15.90 -31.93 -18.86
CA GLY A 99 -16.28 -32.09 -20.27
C GLY A 99 -16.63 -30.80 -20.96
N SER A 100 -15.99 -29.69 -20.54
CA SER A 100 -16.19 -28.33 -21.04
C SER A 100 -16.07 -28.26 -22.56
N ILE A 101 -17.04 -27.60 -23.18
CA ILE A 101 -17.08 -27.42 -24.63
C ILE A 101 -16.39 -26.11 -25.01
N GLY A 102 -15.89 -25.37 -24.01
CA GLY A 102 -15.25 -24.07 -24.20
C GLY A 102 -16.22 -23.14 -24.90
N GLY A 103 -15.73 -22.46 -25.92
CA GLY A 103 -16.53 -21.53 -26.72
C GLY A 103 -17.28 -20.48 -25.93
N GLY A 104 -18.60 -20.50 -26.08
CA GLY A 104 -19.53 -19.57 -25.46
C GLY A 104 -19.71 -19.74 -23.96
N THR A 105 -19.24 -20.89 -23.41
CA THR A 105 -19.32 -21.16 -21.96
C THR A 105 -18.37 -20.23 -21.20
N LEU A 106 -17.34 -19.69 -21.89
CA LEU A 106 -16.27 -18.81 -21.39
C LEU A 106 -15.45 -19.51 -20.28
N GLY A 107 -15.49 -20.85 -20.30
CA GLY A 107 -14.81 -21.75 -19.37
C GLY A 107 -15.35 -21.79 -17.95
N VAL A 108 -16.54 -21.22 -17.71
CA VAL A 108 -17.12 -21.15 -16.36
C VAL A 108 -18.49 -21.86 -16.24
N SER A 109 -19.06 -22.31 -17.36
CA SER A 109 -20.38 -22.93 -17.34
C SER A 109 -20.45 -24.24 -18.15
N ASP A 110 -21.60 -24.96 -18.06
CA ASP A 110 -21.85 -26.20 -18.80
C ASP A 110 -22.35 -25.84 -20.23
N THR A 111 -22.77 -26.84 -21.03
CA THR A 111 -23.25 -26.64 -22.40
C THR A 111 -24.53 -25.76 -22.42
N LYS A 112 -25.43 -25.93 -21.43
CA LYS A 112 -26.67 -25.13 -21.31
C LYS A 112 -26.38 -23.67 -20.84
N GLY A 113 -25.15 -23.40 -20.42
CA GLY A 113 -24.71 -22.08 -19.97
C GLY A 113 -24.88 -21.82 -18.50
N ALA A 114 -25.15 -22.87 -17.70
CA ALA A 114 -25.35 -22.76 -16.26
C ALA A 114 -24.06 -23.08 -15.50
N GLY A 115 -23.87 -22.38 -14.39
CA GLY A 115 -22.72 -22.56 -13.51
C GLY A 115 -22.93 -21.97 -12.13
N HIS A 116 -21.89 -22.01 -11.30
CA HIS A 116 -21.90 -21.45 -9.95
C HIS A 116 -20.77 -20.42 -9.91
N PHE A 117 -21.12 -19.15 -10.26
CA PHE A 117 -20.21 -18.02 -10.37
C PHE A 117 -20.93 -16.68 -10.54
N VAL A 118 -20.23 -15.58 -10.24
CA VAL A 118 -20.65 -14.21 -10.52
C VAL A 118 -19.50 -13.62 -11.34
N GLY A 119 -19.79 -13.02 -12.49
CA GLY A 119 -18.72 -12.48 -13.32
C GLY A 119 -19.00 -11.31 -14.23
N VAL A 120 -17.91 -10.73 -14.77
CA VAL A 120 -17.92 -9.61 -15.72
C VAL A 120 -17.24 -10.14 -16.98
N GLU A 121 -18.04 -10.40 -18.01
CA GLU A 121 -17.56 -10.92 -19.27
C GLU A 121 -17.27 -9.80 -20.29
N PHE A 122 -16.30 -10.10 -21.17
CA PHE A 122 -15.84 -9.27 -22.29
C PHE A 122 -15.96 -10.17 -23.51
N ASP A 123 -17.20 -10.29 -23.95
CA ASP A 123 -17.65 -11.17 -25.00
C ASP A 123 -17.46 -10.58 -26.39
N THR A 124 -16.78 -11.38 -27.27
CA THR A 124 -16.38 -11.06 -28.64
C THR A 124 -17.06 -11.93 -29.73
N TYR A 125 -18.04 -12.75 -29.34
CA TYR A 125 -18.79 -13.62 -30.28
C TYR A 125 -20.26 -13.73 -29.83
N SER A 126 -21.20 -13.63 -30.79
CA SER A 126 -22.62 -13.69 -30.49
C SER A 126 -23.16 -15.13 -30.56
N ASN A 127 -23.38 -15.72 -29.37
CA ASN A 127 -23.92 -17.05 -29.14
C ASN A 127 -25.43 -16.97 -28.91
N SER A 128 -26.24 -17.32 -29.95
CA SER A 128 -27.71 -17.27 -29.88
C SER A 128 -28.26 -18.21 -28.81
N GLU A 129 -27.55 -19.33 -28.56
CA GLU A 129 -27.90 -20.35 -27.57
C GLU A 129 -27.86 -19.77 -26.11
N TYR A 130 -27.13 -18.66 -25.89
CA TYR A 130 -27.03 -17.99 -24.58
C TYR A 130 -27.64 -16.58 -24.64
N ASN A 131 -28.48 -16.31 -25.67
CA ASN A 131 -29.17 -15.05 -25.95
C ASN A 131 -28.23 -13.82 -25.88
N ASP A 132 -27.07 -13.94 -26.55
CA ASP A 132 -26.08 -12.87 -26.63
C ASP A 132 -26.58 -11.69 -27.46
N PRO A 133 -26.26 -10.42 -27.11
CA PRO A 133 -26.65 -9.29 -27.99
C PRO A 133 -25.94 -9.41 -29.36
N PRO A 134 -26.36 -8.68 -30.43
CA PRO A 134 -25.75 -8.90 -31.76
C PRO A 134 -24.28 -8.49 -31.92
N THR A 135 -23.75 -7.55 -31.12
CA THR A 135 -22.37 -7.07 -31.24
C THR A 135 -21.53 -7.45 -30.01
N ASP A 136 -20.19 -7.16 -30.06
CA ASP A 136 -19.29 -7.33 -28.91
C ASP A 136 -19.88 -6.62 -27.68
N HIS A 137 -19.69 -7.16 -26.46
CA HIS A 137 -20.29 -6.58 -25.26
C HIS A 137 -19.61 -6.90 -23.96
N VAL A 138 -19.91 -6.04 -22.98
CA VAL A 138 -19.52 -6.25 -21.61
C VAL A 138 -20.81 -6.72 -20.94
N GLY A 139 -20.73 -7.80 -20.19
CA GLY A 139 -21.90 -8.39 -19.55
C GLY A 139 -21.66 -8.69 -18.09
N ILE A 140 -22.75 -8.66 -17.30
CA ILE A 140 -22.71 -8.99 -15.87
C ILE A 140 -23.50 -10.26 -15.76
N ASP A 141 -22.83 -11.31 -15.23
CA ASP A 141 -23.28 -12.71 -15.19
C ASP A 141 -23.51 -13.20 -13.78
N VAL A 142 -24.62 -13.91 -13.57
CA VAL A 142 -24.97 -14.46 -12.25
C VAL A 142 -25.42 -15.89 -12.49
N ASN A 143 -24.49 -16.85 -12.26
CA ASN A 143 -24.66 -18.28 -12.43
C ASN A 143 -25.05 -18.69 -13.87
N SER A 144 -24.79 -17.81 -14.85
CA SER A 144 -25.13 -18.06 -16.25
C SER A 144 -24.38 -17.14 -17.19
N VAL A 145 -24.03 -17.67 -18.40
CA VAL A 145 -23.40 -16.88 -19.47
C VAL A 145 -24.52 -16.18 -20.28
N ASP A 146 -25.78 -16.42 -19.90
CA ASP A 146 -26.94 -15.67 -20.41
C ASP A 146 -27.03 -14.51 -19.42
N SER A 147 -26.32 -13.40 -19.74
CA SER A 147 -26.12 -12.22 -18.90
C SER A 147 -27.40 -11.62 -18.32
N VAL A 148 -27.30 -11.17 -17.06
CA VAL A 148 -28.37 -10.46 -16.34
C VAL A 148 -28.55 -9.09 -17.03
N LYS A 149 -27.42 -8.52 -17.50
CA LYS A 149 -27.37 -7.25 -18.20
C LYS A 149 -26.14 -7.18 -19.10
N THR A 150 -26.27 -6.49 -20.25
CA THR A 150 -25.17 -6.26 -21.19
C THR A 150 -25.12 -4.81 -21.64
N VAL A 151 -23.97 -4.40 -22.13
CA VAL A 151 -23.77 -3.08 -22.70
C VAL A 151 -22.97 -3.25 -24.02
N PRO A 152 -23.36 -2.58 -25.12
CA PRO A 152 -22.58 -2.70 -26.36
C PRO A 152 -21.15 -2.17 -26.16
N TRP A 153 -20.19 -2.90 -26.73
CA TRP A 153 -18.76 -2.63 -26.61
C TRP A 153 -18.06 -3.02 -27.94
N ASN A 154 -16.77 -2.73 -28.06
CA ASN A 154 -16.01 -3.07 -29.26
C ASN A 154 -14.64 -3.60 -28.84
N SER A 155 -14.35 -4.86 -29.18
CA SER A 155 -13.04 -5.47 -28.88
C SER A 155 -12.11 -5.18 -30.05
N VAL A 156 -11.11 -4.33 -29.81
CA VAL A 156 -10.12 -3.95 -30.83
C VAL A 156 -8.90 -4.88 -30.70
N SER A 157 -8.54 -5.56 -31.81
CA SER A 157 -7.41 -6.49 -31.87
C SER A 157 -6.10 -5.79 -31.58
N GLY A 158 -5.35 -6.34 -30.61
CA GLY A 158 -4.05 -5.82 -30.17
C GLY A 158 -4.11 -4.60 -29.27
N ALA A 159 -5.32 -4.22 -28.84
CA ALA A 159 -5.48 -3.06 -27.98
C ALA A 159 -5.47 -3.43 -26.51
N VAL A 160 -4.77 -2.61 -25.70
CA VAL A 160 -4.72 -2.77 -24.25
C VAL A 160 -5.95 -2.08 -23.68
N VAL A 161 -6.71 -2.80 -22.86
CA VAL A 161 -7.97 -2.38 -22.24
C VAL A 161 -7.80 -2.35 -20.72
N LYS A 162 -8.21 -1.23 -20.08
CA LYS A 162 -8.15 -1.08 -18.63
C LYS A 162 -9.56 -1.22 -18.07
N VAL A 163 -9.70 -1.93 -16.94
CA VAL A 163 -11.00 -2.17 -16.29
C VAL A 163 -10.88 -1.77 -14.81
N THR A 164 -11.92 -1.16 -14.27
CA THR A 164 -12.06 -0.78 -12.87
C THR A 164 -13.41 -1.29 -12.40
N VAL A 165 -13.40 -2.09 -11.33
CA VAL A 165 -14.61 -2.69 -10.74
C VAL A 165 -14.72 -2.30 -9.26
N ILE A 166 -15.90 -1.78 -8.87
CA ILE A 166 -16.25 -1.43 -7.49
C ILE A 166 -17.47 -2.25 -7.07
N TYR A 167 -17.36 -2.94 -5.92
CA TYR A 167 -18.51 -3.60 -5.30
C TYR A 167 -18.79 -2.92 -3.96
N ASP A 168 -19.96 -2.28 -3.83
CA ASP A 168 -20.39 -1.61 -2.60
C ASP A 168 -21.30 -2.57 -1.87
N SER A 169 -20.86 -3.07 -0.69
CA SER A 169 -21.62 -4.09 0.04
C SER A 169 -23.00 -3.60 0.55
N SER A 170 -23.09 -2.33 1.00
CA SER A 170 -24.33 -1.72 1.53
C SER A 170 -25.48 -1.68 0.48
N THR A 171 -25.21 -1.20 -0.75
CA THR A 171 -26.22 -1.16 -1.84
C THR A 171 -26.22 -2.45 -2.68
N LYS A 172 -25.24 -3.34 -2.47
CA LYS A 172 -25.04 -4.60 -3.22
C LYS A 172 -24.79 -4.30 -4.73
N THR A 173 -24.21 -3.14 -5.02
CA THR A 173 -23.96 -2.69 -6.40
C THR A 173 -22.58 -3.09 -6.89
N LEU A 174 -22.55 -3.81 -8.01
CA LEU A 174 -21.33 -4.15 -8.76
C LEU A 174 -21.21 -3.15 -9.95
N SER A 175 -20.23 -2.25 -9.91
CA SER A 175 -20.02 -1.22 -10.93
C SER A 175 -18.74 -1.49 -11.73
N VAL A 176 -18.81 -1.35 -13.07
CA VAL A 176 -17.70 -1.63 -14.00
C VAL A 176 -17.47 -0.42 -14.94
N ALA A 177 -16.20 -0.02 -15.08
CA ALA A 177 -15.74 1.02 -15.99
C ALA A 177 -14.64 0.43 -16.87
N VAL A 178 -14.85 0.47 -18.17
CA VAL A 178 -13.95 -0.11 -19.17
C VAL A 178 -13.38 1.00 -20.06
N THR A 179 -12.03 1.15 -20.05
CA THR A 179 -11.33 2.17 -20.82
C THR A 179 -10.75 1.59 -22.12
N ASN A 180 -11.37 1.95 -23.26
CA ASN A 180 -10.96 1.54 -24.61
C ASN A 180 -9.67 2.26 -25.04
N ASP A 181 -9.03 1.74 -26.11
CA ASP A 181 -7.77 2.22 -26.69
C ASP A 181 -7.86 3.67 -27.17
N ASN A 182 -9.01 4.04 -27.78
CA ASN A 182 -9.28 5.35 -28.35
C ASN A 182 -9.60 6.42 -27.26
N GLY A 183 -9.57 6.03 -25.99
CA GLY A 183 -9.81 6.92 -24.86
C GLY A 183 -11.21 6.91 -24.26
N ASP A 184 -12.22 6.40 -25.00
CA ASP A 184 -13.63 6.30 -24.57
C ASP A 184 -13.83 5.33 -23.42
N ILE A 185 -14.84 5.58 -22.58
CA ILE A 185 -15.18 4.72 -21.45
C ILE A 185 -16.54 4.06 -21.68
N THR A 186 -16.69 2.83 -21.19
CA THR A 186 -17.93 2.04 -21.26
C THR A 186 -18.24 1.57 -19.84
N THR A 187 -19.46 1.83 -19.37
CA THR A 187 -19.86 1.41 -18.02
C THR A 187 -21.04 0.46 -18.05
N ILE A 188 -21.18 -0.30 -16.95
CA ILE A 188 -22.27 -1.24 -16.68
C ILE A 188 -22.28 -1.49 -15.16
N ALA A 189 -23.46 -1.38 -14.56
CA ALA A 189 -23.64 -1.60 -13.13
C ALA A 189 -24.88 -2.45 -12.90
N GLN A 190 -24.85 -3.32 -11.87
CA GLN A 190 -25.95 -4.22 -11.56
C GLN A 190 -25.96 -4.57 -10.08
N VAL A 191 -27.15 -4.58 -9.47
CA VAL A 191 -27.32 -5.01 -8.08
C VAL A 191 -27.17 -6.55 -8.07
N VAL A 192 -26.18 -7.06 -7.32
CA VAL A 192 -25.89 -8.48 -7.20
C VAL A 192 -25.65 -8.79 -5.70
N ASP A 193 -26.50 -9.63 -5.12
CA ASP A 193 -26.39 -10.01 -3.72
C ASP A 193 -25.38 -11.17 -3.62
N LEU A 194 -24.11 -10.86 -3.33
CA LEU A 194 -23.06 -11.89 -3.22
C LEU A 194 -23.29 -12.84 -2.01
N LYS A 195 -23.94 -12.35 -0.95
CA LYS A 195 -24.26 -13.17 0.22
C LYS A 195 -25.33 -14.26 -0.11
N ALA A 196 -26.21 -14.00 -1.09
CA ALA A 196 -27.28 -14.94 -1.50
C ALA A 196 -26.85 -15.85 -2.65
N LYS A 197 -25.88 -15.41 -3.47
CA LYS A 197 -25.48 -16.19 -4.64
C LYS A 197 -24.18 -16.97 -4.46
N LEU A 198 -23.33 -16.57 -3.51
CA LEU A 198 -22.04 -17.20 -3.32
C LEU A 198 -21.78 -17.67 -1.88
N PRO A 199 -20.88 -18.67 -1.64
CA PRO A 199 -20.56 -19.02 -0.24
C PRO A 199 -19.71 -17.92 0.42
N GLU A 200 -19.48 -18.06 1.73
CA GLU A 200 -18.66 -17.16 2.54
C GLU A 200 -17.23 -17.03 1.99
N ARG A 201 -16.65 -18.13 1.48
CA ARG A 201 -15.28 -18.15 0.98
C ARG A 201 -15.29 -18.44 -0.51
N VAL A 202 -14.60 -17.59 -1.26
CA VAL A 202 -14.55 -17.68 -2.71
C VAL A 202 -13.16 -17.54 -3.22
N LYS A 203 -13.04 -17.72 -4.53
CA LYS A 203 -11.83 -17.45 -5.27
C LYS A 203 -12.16 -16.50 -6.39
N PHE A 204 -11.23 -15.60 -6.68
CA PHE A 204 -11.34 -14.61 -7.74
C PHE A 204 -10.39 -14.96 -8.86
N GLY A 205 -10.82 -14.75 -10.10
CA GLY A 205 -9.94 -15.05 -11.21
C GLY A 205 -10.41 -14.57 -12.56
N PHE A 206 -9.74 -15.11 -13.60
CA PHE A 206 -9.99 -14.87 -15.00
C PHE A 206 -10.12 -16.19 -15.73
N SER A 207 -10.95 -16.21 -16.77
CA SER A 207 -11.17 -17.37 -17.61
C SER A 207 -11.39 -16.95 -19.04
N ALA A 208 -10.89 -17.75 -19.98
CA ALA A 208 -11.09 -17.56 -21.43
C ALA A 208 -11.23 -18.90 -22.10
N SER A 209 -11.85 -18.91 -23.29
CA SER A 209 -12.05 -20.16 -24.01
C SER A 209 -12.19 -19.92 -25.51
N GLY A 210 -12.07 -20.99 -26.29
CA GLY A 210 -12.26 -20.96 -27.72
C GLY A 210 -13.02 -22.18 -28.19
N SER A 211 -13.23 -22.28 -29.49
CA SER A 211 -13.89 -23.45 -30.09
C SER A 211 -12.95 -24.08 -31.17
N LEU A 212 -13.50 -24.82 -32.15
CA LEU A 212 -12.73 -25.40 -33.26
C LEU A 212 -12.32 -24.26 -34.20
N GLY A 213 -13.30 -23.44 -34.61
CA GLY A 213 -13.15 -22.31 -35.51
C GLY A 213 -12.86 -20.96 -34.87
N GLY A 214 -13.41 -20.74 -33.68
CA GLY A 214 -13.24 -19.51 -32.92
C GLY A 214 -12.06 -19.52 -31.99
N ARG A 215 -10.98 -18.82 -32.39
CA ARG A 215 -9.75 -18.73 -31.61
C ARG A 215 -9.13 -17.33 -31.68
N GLN A 216 -8.50 -16.88 -30.58
CA GLN A 216 -7.79 -15.60 -30.49
C GLN A 216 -6.84 -15.60 -29.30
N ILE A 217 -5.91 -14.65 -29.29
CA ILE A 217 -4.98 -14.45 -28.18
C ILE A 217 -5.78 -13.76 -27.03
N HIS A 218 -5.80 -14.38 -25.83
CA HIS A 218 -6.42 -13.85 -24.59
C HIS A 218 -5.28 -13.58 -23.59
N LEU A 219 -5.01 -12.30 -23.30
CA LEU A 219 -3.90 -11.95 -22.39
C LEU A 219 -4.32 -11.14 -21.18
N ILE A 220 -3.85 -11.52 -19.97
CA ILE A 220 -4.02 -10.76 -18.73
C ILE A 220 -2.66 -10.11 -18.45
N ARG A 221 -2.59 -8.78 -18.54
CA ARG A 221 -1.36 -8.00 -18.41
C ARG A 221 -1.03 -7.60 -16.96
N SER A 222 -2.03 -7.19 -16.18
CA SER A 222 -1.86 -6.75 -14.79
C SER A 222 -3.15 -6.92 -14.00
N TRP A 223 -3.07 -6.94 -12.65
CA TRP A 223 -4.23 -7.11 -11.76
C TRP A 223 -3.93 -6.61 -10.34
N SER A 224 -4.79 -5.74 -9.82
CA SER A 224 -4.69 -5.21 -8.45
C SER A 224 -6.03 -5.43 -7.76
N PHE A 225 -6.00 -5.73 -6.44
CA PHE A 225 -7.23 -6.02 -5.68
C PHE A 225 -7.12 -5.62 -4.19
N THR A 226 -8.25 -5.09 -3.64
CA THR A 226 -8.36 -4.75 -2.23
C THR A 226 -9.82 -4.94 -1.79
N SER A 227 -10.03 -5.78 -0.76
CA SER A 227 -11.34 -6.05 -0.20
C SER A 227 -11.30 -5.82 1.29
N THR A 228 -12.36 -5.23 1.84
CA THR A 228 -12.46 -4.96 3.28
C THR A 228 -13.80 -5.46 3.80
N LEU A 229 -13.75 -6.28 4.85
CA LEU A 229 -14.92 -6.82 5.54
C LEU A 229 -14.89 -6.33 6.97
N ILE A 230 -15.96 -5.62 7.39
CA ILE A 230 -16.08 -5.09 8.76
C ILE A 230 -16.32 -6.29 9.70
N THR A 231 -15.48 -6.43 10.75
CA THR A 231 -15.56 -7.52 11.73
C THR A 231 -16.14 -7.00 13.07
N THR A 232 -17.41 -6.53 13.03
CA THR A 232 -18.13 -5.99 14.19
C THR A 232 -18.44 -7.11 15.21
N ALA B 1 9.33 -8.65 -11.09
CA ALA B 1 9.58 -9.10 -9.72
C ALA B 1 8.31 -9.66 -9.05
N GLU B 2 8.49 -10.69 -8.20
CA GLU B 2 7.41 -11.38 -7.48
C GLU B 2 7.36 -10.88 -6.03
N THR B 3 6.25 -10.19 -5.66
CA THR B 3 6.12 -9.63 -4.32
C THR B 3 4.90 -10.12 -3.55
N VAL B 4 5.12 -10.44 -2.26
CA VAL B 4 4.11 -10.86 -1.31
C VAL B 4 4.02 -9.77 -0.23
N SER B 5 2.83 -9.20 -0.02
CA SER B 5 2.64 -8.15 0.95
C SER B 5 1.28 -8.26 1.65
N PHE B 6 1.27 -7.95 2.97
CA PHE B 6 0.05 -7.90 3.76
C PHE B 6 0.21 -6.95 4.92
N ASN B 7 -0.90 -6.64 5.58
CA ASN B 7 -0.95 -5.82 6.78
C ASN B 7 -2.13 -6.26 7.63
N PHE B 8 -1.87 -6.57 8.89
CA PHE B 8 -2.85 -6.98 9.90
C PHE B 8 -2.79 -6.01 11.07
N ASN B 9 -3.84 -5.21 11.25
CA ASN B 9 -3.98 -4.25 12.34
C ASN B 9 -4.73 -4.93 13.47
N SER B 10 -5.46 -5.98 13.10
CA SER B 10 -6.29 -6.82 13.92
C SER B 10 -6.37 -8.22 13.29
N PHE B 11 -6.93 -9.16 14.02
CA PHE B 11 -7.09 -10.52 13.51
C PHE B 11 -8.52 -11.00 13.74
N SER B 12 -8.92 -12.01 12.96
CA SER B 12 -10.25 -12.60 13.05
C SER B 12 -10.20 -14.09 12.80
N GLU B 13 -11.02 -14.85 13.55
CA GLU B 13 -11.21 -16.29 13.37
C GLU B 13 -11.91 -16.49 12.04
N GLY B 14 -11.55 -17.52 11.28
CA GLY B 14 -12.21 -17.75 10.01
C GLY B 14 -11.68 -16.96 8.83
N ASN B 15 -10.67 -16.07 9.07
CA ASN B 15 -9.92 -15.33 8.02
C ASN B 15 -9.08 -16.39 7.29
N PRO B 16 -9.38 -16.70 6.00
CA PRO B 16 -8.61 -17.76 5.31
C PRO B 16 -7.14 -17.42 5.06
N ALA B 17 -6.75 -16.16 5.26
CA ALA B 17 -5.35 -15.72 5.09
C ALA B 17 -4.43 -16.25 6.23
N ILE B 18 -4.99 -16.78 7.31
CA ILE B 18 -4.16 -17.26 8.46
C ILE B 18 -4.53 -18.69 8.88
N ASN B 19 -3.52 -19.55 9.02
CA ASN B 19 -3.61 -20.93 9.51
C ASN B 19 -3.41 -20.93 11.00
N PHE B 20 -4.37 -21.48 11.74
CA PHE B 20 -4.28 -21.59 13.19
C PHE B 20 -3.87 -23.01 13.55
N GLN B 21 -2.82 -23.15 14.36
CA GLN B 21 -2.30 -24.44 14.80
C GLN B 21 -2.29 -24.54 16.32
N GLY B 22 -2.72 -25.68 16.84
CA GLY B 22 -2.76 -25.92 18.28
C GLY B 22 -3.78 -25.08 19.05
N ASP B 23 -3.31 -24.46 20.14
CA ASP B 23 -4.13 -23.73 21.11
C ASP B 23 -4.37 -22.24 20.85
N VAL B 24 -4.33 -21.81 19.59
CA VAL B 24 -4.56 -20.39 19.28
C VAL B 24 -6.03 -20.03 19.28
N THR B 25 -6.34 -18.93 19.96
CA THR B 25 -7.65 -18.29 19.96
C THR B 25 -7.48 -16.83 19.47
N VAL B 26 -8.61 -16.22 19.09
CA VAL B 26 -8.65 -14.81 18.71
C VAL B 26 -9.56 -14.13 19.72
N LEU B 27 -9.03 -13.12 20.43
CA LEU B 27 -9.77 -12.36 21.41
C LEU B 27 -10.71 -11.38 20.72
N SER B 28 -11.72 -10.86 21.45
CA SER B 28 -12.72 -9.94 20.92
C SER B 28 -12.11 -8.62 20.43
N ASN B 29 -10.97 -8.19 21.02
CA ASN B 29 -10.26 -6.97 20.61
C ASN B 29 -9.47 -7.15 19.30
N GLY B 30 -9.40 -8.38 18.79
CA GLY B 30 -8.68 -8.69 17.57
C GLY B 30 -7.29 -9.27 17.77
N ASN B 31 -6.82 -9.33 19.03
CA ASN B 31 -5.52 -9.91 19.36
C ASN B 31 -5.55 -11.43 19.23
N ILE B 32 -4.41 -12.01 18.82
CA ILE B 32 -4.23 -13.45 18.75
C ILE B 32 -3.57 -13.87 20.06
N GLN B 33 -4.19 -14.81 20.78
CA GLN B 33 -3.64 -15.38 22.00
C GLN B 33 -3.11 -16.75 21.64
N LEU B 34 -1.80 -16.92 21.67
CA LEU B 34 -1.19 -18.18 21.24
C LEU B 34 -1.35 -19.34 22.23
N THR B 35 -1.18 -19.13 23.55
CA THR B 35 -1.29 -20.29 24.44
C THR B 35 -2.58 -20.37 25.27
N ASN B 36 -2.97 -21.61 25.62
CA ASN B 36 -4.12 -21.95 26.49
C ASN B 36 -3.61 -21.99 27.92
N LEU B 37 -4.06 -21.02 28.73
CA LEU B 37 -3.65 -20.81 30.12
C LEU B 37 -4.05 -21.98 31.07
N ASN B 38 -4.97 -22.87 30.64
CA ASN B 38 -5.46 -23.99 31.44
C ASN B 38 -4.92 -25.36 30.96
N LYS B 39 -4.07 -25.36 29.92
CA LYS B 39 -3.49 -26.57 29.31
C LYS B 39 -2.01 -26.72 29.64
N VAL B 40 -1.59 -27.98 29.89
CA VAL B 40 -0.19 -28.36 30.17
C VAL B 40 0.52 -28.50 28.85
N ASN B 41 1.76 -27.97 28.75
CA ASN B 41 2.60 -28.05 27.56
C ASN B 41 1.85 -27.40 26.35
N SER B 42 1.14 -26.29 26.63
CA SER B 42 0.38 -25.56 25.64
C SER B 42 1.28 -25.01 24.57
N VAL B 43 0.90 -25.23 23.29
CA VAL B 43 1.60 -24.76 22.09
C VAL B 43 0.56 -24.14 21.13
N GLY B 44 0.79 -22.90 20.73
CA GLY B 44 -0.09 -22.23 19.77
C GLY B 44 0.72 -21.56 18.69
N ARG B 45 0.38 -21.82 17.40
CA ARG B 45 1.09 -21.22 16.27
C ARG B 45 0.11 -20.59 15.25
N VAL B 46 0.53 -19.47 14.64
CA VAL B 46 -0.22 -18.80 13.56
C VAL B 46 0.69 -18.67 12.36
N LEU B 47 0.22 -19.09 11.19
CA LEU B 47 0.98 -18.98 9.96
C LEU B 47 0.22 -18.21 8.91
N TYR B 48 0.95 -17.46 8.06
CA TYR B 48 0.34 -16.81 6.92
C TYR B 48 0.07 -17.98 5.95
N ALA B 49 -1.20 -18.16 5.55
CA ALA B 49 -1.69 -19.32 4.79
C ALA B 49 -1.02 -19.51 3.42
N MET B 50 -0.64 -18.42 2.77
CA MET B 50 -0.01 -18.52 1.47
C MET B 50 1.50 -18.78 1.60
N PRO B 51 2.03 -19.83 0.91
CA PRO B 51 3.47 -20.06 0.93
C PRO B 51 4.21 -18.94 0.17
N VAL B 52 5.38 -18.57 0.67
CA VAL B 52 6.22 -17.51 0.10
C VAL B 52 7.46 -18.16 -0.55
N ARG B 53 7.72 -17.80 -1.82
CA ARG B 53 8.82 -18.24 -2.64
C ARG B 53 10.03 -17.36 -2.32
N ILE B 54 10.86 -17.82 -1.36
CA ILE B 54 12.02 -17.07 -0.85
C ILE B 54 13.28 -17.29 -1.68
N TRP B 55 13.24 -18.14 -2.73
CA TRP B 55 14.38 -18.38 -3.63
C TRP B 55 13.99 -19.30 -4.80
N SER B 56 14.73 -19.18 -5.93
CA SER B 56 14.49 -19.95 -7.17
C SER B 56 15.66 -20.84 -7.54
N SER B 57 15.37 -22.12 -7.74
CA SER B 57 16.37 -23.12 -8.16
C SER B 57 16.77 -22.87 -9.63
N ALA B 58 15.89 -22.19 -10.41
CA ALA B 58 16.10 -21.85 -11.81
C ALA B 58 17.06 -20.67 -12.00
N THR B 59 16.91 -19.59 -11.20
CA THR B 59 17.74 -18.38 -11.36
C THR B 59 18.86 -18.27 -10.32
N GLY B 60 18.66 -18.89 -9.15
CA GLY B 60 19.58 -18.80 -8.03
C GLY B 60 19.33 -17.59 -7.15
N ASN B 61 18.32 -16.76 -7.51
CA ASN B 61 17.95 -15.53 -6.81
C ASN B 61 17.24 -15.82 -5.49
N VAL B 62 17.53 -14.99 -4.47
CA VAL B 62 16.97 -15.07 -3.11
C VAL B 62 16.17 -13.80 -2.84
N ALA B 63 15.04 -13.94 -2.15
CA ALA B 63 14.17 -12.83 -1.77
C ALA B 63 14.69 -12.04 -0.57
N SER B 64 14.42 -10.74 -0.60
CA SER B 64 14.65 -9.86 0.54
C SER B 64 13.30 -9.66 1.15
N PHE B 65 13.22 -9.32 2.44
CA PHE B 65 11.92 -9.04 3.09
C PHE B 65 12.06 -8.01 4.24
N LEU B 66 10.93 -7.35 4.54
CA LEU B 66 10.74 -6.37 5.61
C LEU B 66 9.46 -6.70 6.36
N THR B 67 9.53 -6.85 7.68
CA THR B 67 8.33 -7.17 8.44
C THR B 67 8.33 -6.39 9.75
N SER B 68 7.16 -5.97 10.20
CA SER B 68 7.00 -5.33 11.49
C SER B 68 5.86 -6.01 12.25
N PHE B 69 6.01 -6.18 13.57
CA PHE B 69 4.99 -6.79 14.39
C PHE B 69 5.03 -6.24 15.80
N SER B 70 3.91 -6.39 16.51
CA SER B 70 3.81 -5.98 17.90
C SER B 70 3.19 -7.13 18.72
N PHE B 71 3.78 -7.40 19.90
CA PHE B 71 3.35 -8.44 20.80
C PHE B 71 3.25 -7.96 22.24
N GLU B 72 2.60 -8.76 23.09
CA GLU B 72 2.47 -8.51 24.51
C GLU B 72 2.57 -9.83 25.28
N MET B 73 3.36 -9.80 26.34
CA MET B 73 3.50 -10.92 27.26
C MET B 73 3.08 -10.43 28.62
N LYS B 74 2.15 -11.13 29.26
CA LYS B 74 1.63 -10.72 30.57
C LYS B 74 1.57 -11.91 31.54
N ASP B 75 2.06 -11.68 32.77
CA ASP B 75 2.11 -12.66 33.86
C ASP B 75 0.71 -13.05 34.30
N ILE B 76 0.55 -14.31 34.73
CA ILE B 76 -0.72 -14.84 35.29
C ILE B 76 -0.42 -15.34 36.71
N LYS B 77 -1.39 -15.18 37.63
CA LYS B 77 -1.32 -15.60 39.03
C LYS B 77 -0.92 -17.07 39.16
N ASP B 78 -0.01 -17.35 40.11
CA ASP B 78 0.53 -18.65 40.54
C ASP B 78 1.55 -19.27 39.56
N TYR B 79 1.42 -19.05 38.25
CA TYR B 79 2.33 -19.66 37.27
C TYR B 79 3.55 -18.78 36.98
N ASP B 80 4.67 -19.44 36.67
CA ASP B 80 5.94 -18.83 36.29
C ASP B 80 5.79 -18.22 34.88
N PRO B 81 6.03 -16.91 34.67
CA PRO B 81 5.87 -16.32 33.32
C PRO B 81 6.85 -16.95 32.31
N ALA B 82 6.33 -17.91 31.55
CA ALA B 82 7.08 -18.68 30.57
C ALA B 82 6.13 -19.13 29.45
N ASP B 83 6.64 -19.46 28.25
CA ASP B 83 8.05 -19.58 27.86
C ASP B 83 8.54 -18.53 26.84
N GLY B 84 7.63 -17.86 26.14
CA GLY B 84 8.01 -16.83 25.18
C GLY B 84 7.43 -17.02 23.80
N ILE B 85 7.76 -16.08 22.90
CA ILE B 85 7.28 -16.07 21.52
C ILE B 85 8.46 -16.19 20.57
N ILE B 86 8.26 -16.93 19.47
CA ILE B 86 9.23 -17.04 18.40
C ILE B 86 8.54 -16.68 17.06
N PHE B 87 9.17 -15.78 16.30
CA PHE B 87 8.77 -15.41 14.95
C PHE B 87 9.57 -16.37 14.11
N PHE B 88 8.94 -17.18 13.29
CA PHE B 88 9.71 -18.19 12.57
C PHE B 88 9.34 -18.33 11.10
N ILE B 89 10.21 -19.02 10.37
CA ILE B 89 10.14 -19.34 8.95
C ILE B 89 10.43 -20.82 8.85
N ALA B 90 9.58 -21.57 8.14
CA ALA B 90 9.73 -23.03 8.03
C ALA B 90 9.17 -23.58 6.70
N PRO B 91 9.44 -24.85 6.28
CA PRO B 91 8.84 -25.38 5.04
C PRO B 91 7.31 -25.31 5.08
N GLU B 92 6.64 -25.08 3.93
CA GLU B 92 5.17 -24.91 3.85
C GLU B 92 4.34 -26.02 4.56
N ASP B 93 4.88 -27.26 4.70
CA ASP B 93 4.16 -28.38 5.35
C ASP B 93 4.30 -28.37 6.88
N THR B 94 5.02 -27.37 7.46
CA THR B 94 5.30 -27.28 8.89
C THR B 94 4.04 -27.46 9.79
N GLN B 95 4.22 -28.22 10.85
CA GLN B 95 3.22 -28.52 11.87
C GLN B 95 3.91 -28.47 13.23
N ILE B 96 3.11 -28.36 14.30
CA ILE B 96 3.65 -28.45 15.67
C ILE B 96 4.39 -29.80 15.77
N PRO B 97 5.68 -29.86 16.17
CA PRO B 97 6.37 -31.17 16.25
C PRO B 97 5.54 -32.21 17.04
N ALA B 98 5.38 -33.42 16.48
CA ALA B 98 4.60 -34.50 17.08
C ALA B 98 5.13 -34.83 18.49
N GLY B 99 4.19 -34.88 19.44
CA GLY B 99 4.43 -35.14 20.86
C GLY B 99 5.20 -34.03 21.54
N SER B 100 4.98 -32.78 21.08
CA SER B 100 5.62 -31.55 21.56
C SER B 100 5.52 -31.42 23.07
N ILE B 101 6.63 -31.10 23.71
CA ILE B 101 6.66 -30.93 25.16
C ILE B 101 6.46 -29.45 25.51
N GLY B 102 6.28 -28.60 24.49
CA GLY B 102 6.10 -27.17 24.67
C GLY B 102 7.31 -26.60 25.40
N GLY B 103 7.06 -25.74 26.38
CA GLY B 103 8.14 -25.16 27.19
C GLY B 103 9.22 -24.46 26.39
N GLY B 104 10.47 -24.79 26.68
CA GLY B 104 11.65 -24.26 26.02
C GLY B 104 11.78 -24.61 24.55
N THR B 105 10.91 -25.49 24.03
CA THR B 105 10.94 -25.86 22.60
C THR B 105 10.33 -24.72 21.74
N LEU B 106 9.57 -23.81 22.39
CA LEU B 106 8.87 -22.65 21.84
C LEU B 106 7.90 -23.08 20.70
N GLY B 107 7.51 -24.35 20.72
CA GLY B 107 6.59 -24.98 19.77
C GLY B 107 7.13 -25.21 18.37
N VAL B 108 8.45 -25.07 18.15
CA VAL B 108 9.06 -25.23 16.83
C VAL B 108 10.10 -26.37 16.76
N SER B 109 10.46 -26.95 17.91
CA SER B 109 11.48 -27.99 17.94
C SER B 109 11.08 -29.23 18.77
N ASP B 110 11.92 -30.29 18.72
CA ASP B 110 11.73 -31.52 19.49
C ASP B 110 12.29 -31.32 20.92
N THR B 111 12.30 -32.39 21.76
CA THR B 111 12.80 -32.34 23.15
C THR B 111 14.31 -31.93 23.19
N LYS B 112 15.12 -32.41 22.23
CA LYS B 112 16.55 -32.07 22.15
C LYS B 112 16.79 -30.61 21.64
N GLY B 113 15.73 -29.96 21.18
CA GLY B 113 15.77 -28.59 20.70
C GLY B 113 16.07 -28.43 19.23
N ALA B 114 15.99 -29.54 18.47
CA ALA B 114 16.25 -29.54 17.03
C ALA B 114 14.95 -29.42 16.23
N GLY B 115 15.05 -28.74 15.10
CA GLY B 115 13.94 -28.54 14.19
C GLY B 115 14.39 -28.10 12.80
N HIS B 116 13.43 -27.77 11.94
CA HIS B 116 13.65 -27.29 10.59
C HIS B 116 12.95 -25.95 10.51
N PHE B 117 13.70 -24.88 10.87
CA PHE B 117 13.20 -23.51 10.94
C PHE B 117 14.31 -22.50 11.12
N VAL B 118 14.01 -21.23 10.76
CA VAL B 118 14.87 -20.08 11.01
C VAL B 118 13.97 -19.11 11.81
N GLY B 119 14.43 -18.59 12.95
CA GLY B 119 13.58 -17.71 13.72
C GLY B 119 14.22 -16.67 14.61
N VAL B 120 13.37 -15.78 15.14
CA VAL B 120 13.73 -14.70 16.07
C VAL B 120 12.89 -14.94 17.32
N GLU B 121 13.54 -15.41 18.38
CA GLU B 121 12.85 -15.70 19.63
C GLU B 121 12.99 -14.57 20.63
N PHE B 122 11.96 -14.45 21.48
CA PHE B 122 11.78 -13.50 22.58
C PHE B 122 11.54 -14.34 23.84
N ASP B 123 12.66 -14.85 24.35
CA ASP B 123 12.76 -15.82 25.42
C ASP B 123 12.68 -15.26 26.86
N THR B 124 11.67 -15.70 27.62
CA THR B 124 11.38 -15.24 29.00
C THR B 124 11.70 -16.26 30.11
N TYR B 125 12.26 -17.43 29.76
CA TYR B 125 12.69 -18.47 30.69
C TYR B 125 14.07 -19.03 30.24
N SER B 126 14.99 -19.26 31.22
CA SER B 126 16.35 -19.79 30.96
C SER B 126 16.37 -21.33 31.06
N ASN B 127 16.40 -21.99 29.89
CA ASN B 127 16.49 -23.43 29.75
C ASN B 127 17.94 -23.83 29.61
N SER B 128 18.53 -24.48 30.64
CA SER B 128 19.94 -24.91 30.62
C SER B 128 20.17 -26.01 29.56
N GLU B 129 19.13 -26.83 29.30
CA GLU B 129 19.13 -27.92 28.32
C GLU B 129 19.32 -27.38 26.87
N TYR B 130 19.01 -26.09 26.62
CA TYR B 130 19.19 -25.45 25.30
C TYR B 130 20.25 -24.35 25.37
N ASN B 131 21.10 -24.37 26.43
CA ASN B 131 22.18 -23.41 26.71
C ASN B 131 21.71 -21.95 26.61
N ASP B 132 20.55 -21.65 27.23
CA ASP B 132 19.99 -20.31 27.26
C ASP B 132 20.86 -19.33 28.07
N PRO B 133 21.00 -18.04 27.67
CA PRO B 133 21.72 -17.08 28.53
C PRO B 133 21.00 -16.92 29.89
N PRO B 134 21.63 -16.33 30.94
CA PRO B 134 20.98 -16.33 32.27
C PRO B 134 19.71 -15.47 32.41
N THR B 135 19.55 -14.40 31.59
CA THR B 135 18.40 -13.49 31.67
C THR B 135 17.52 -13.58 30.42
N ASP B 136 16.39 -12.84 30.41
CA ASP B 136 15.51 -12.74 29.21
C ASP B 136 16.34 -12.28 28.02
N HIS B 137 16.03 -12.79 26.82
CA HIS B 137 16.84 -12.46 25.66
C HIS B 137 16.11 -12.58 24.33
N VAL B 138 16.66 -11.92 23.32
CA VAL B 138 16.25 -11.99 21.92
C VAL B 138 17.31 -12.88 21.29
N GLY B 139 16.90 -13.89 20.56
CA GLY B 139 17.83 -14.82 19.95
C GLY B 139 17.53 -15.10 18.49
N ILE B 140 18.59 -15.34 17.73
CA ILE B 140 18.50 -15.74 16.30
C ILE B 140 18.75 -17.25 16.27
N ASP B 141 17.77 -17.98 15.76
CA ASP B 141 17.71 -19.44 15.75
C ASP B 141 17.80 -20.01 14.36
N VAL B 142 18.65 -21.05 14.19
CA VAL B 142 18.83 -21.72 12.89
C VAL B 142 18.76 -23.20 13.16
N ASN B 143 17.57 -23.80 12.92
CA ASN B 143 17.25 -25.22 13.11
C ASN B 143 17.43 -25.68 14.57
N SER B 144 17.46 -24.74 15.53
CA SER B 144 17.64 -25.06 16.94
C SER B 144 17.21 -23.91 17.84
N VAL B 145 16.68 -24.26 19.03
CA VAL B 145 16.32 -23.28 20.07
C VAL B 145 17.58 -22.97 20.91
N ASP B 146 18.69 -23.64 20.58
CA ASP B 146 20.02 -23.31 21.10
C ASP B 146 20.54 -22.27 20.09
N SER B 147 20.22 -21.00 20.37
CA SER B 147 20.46 -19.84 19.51
C SER B 147 21.87 -19.72 18.95
N VAL B 148 21.97 -19.33 17.68
CA VAL B 148 23.23 -19.04 16.98
C VAL B 148 23.84 -17.79 17.65
N LYS B 149 22.96 -16.86 18.05
CA LYS B 149 23.34 -15.62 18.72
C LYS B 149 22.20 -15.13 19.61
N THR B 150 22.52 -14.46 20.72
CA THR B 150 21.55 -13.86 21.64
C THR B 150 21.99 -12.46 22.04
N VAL B 151 21.02 -11.67 22.51
CA VAL B 151 21.28 -10.36 23.03
C VAL B 151 20.44 -10.22 24.32
N PRO B 152 21.01 -9.71 25.44
CA PRO B 152 20.20 -9.51 26.64
C PRO B 152 19.04 -8.54 26.40
N TRP B 153 17.87 -8.91 26.93
CA TRP B 153 16.62 -8.19 26.79
C TRP B 153 15.80 -8.31 28.10
N ASN B 154 14.67 -7.59 28.21
CA ASN B 154 13.82 -7.63 29.40
C ASN B 154 12.36 -7.67 28.99
N SER B 155 11.66 -8.74 29.35
CA SER B 155 10.23 -8.89 29.04
C SER B 155 9.43 -8.30 30.19
N VAL B 156 8.78 -7.15 29.93
CA VAL B 156 7.98 -6.45 30.93
C VAL B 156 6.51 -6.90 30.77
N SER B 157 5.90 -7.42 31.87
CA SER B 157 4.52 -7.90 31.91
C SER B 157 3.55 -6.78 31.56
N GLY B 158 2.71 -7.04 30.57
CA GLY B 158 1.68 -6.11 30.10
C GLY B 158 2.19 -4.99 29.20
N ALA B 159 3.48 -5.04 28.80
CA ALA B 159 4.08 -4.02 27.95
C ALA B 159 3.97 -4.38 26.47
N VAL B 160 3.64 -3.39 25.65
CA VAL B 160 3.55 -3.56 24.20
C VAL B 160 4.97 -3.35 23.65
N VAL B 161 5.44 -4.32 22.85
CA VAL B 161 6.79 -4.38 22.27
C VAL B 161 6.67 -4.31 20.74
N LYS B 162 7.45 -3.44 20.10
CA LYS B 162 7.47 -3.29 18.65
C LYS B 162 8.75 -3.92 18.11
N VAL B 163 8.63 -4.69 17.02
CA VAL B 163 9.77 -5.36 16.37
C VAL B 163 9.80 -4.96 14.88
N THR B 164 11.01 -4.78 14.35
CA THR B 164 11.27 -4.51 12.94
C THR B 164 12.38 -5.47 12.49
N VAL B 165 12.11 -6.26 11.44
CA VAL B 165 13.04 -7.26 10.90
C VAL B 165 13.29 -6.99 9.39
N ILE B 166 14.58 -6.92 9.00
CA ILE B 166 15.03 -6.76 7.63
C ILE B 166 15.90 -7.96 7.25
N TYR B 167 15.61 -8.60 6.12
CA TYR B 167 16.48 -9.59 5.53
C TYR B 167 16.98 -9.07 4.18
N ASP B 168 18.30 -8.83 4.07
CA ASP B 168 18.96 -8.40 2.83
C ASP B 168 19.51 -9.67 2.13
N SER B 169 18.96 -10.03 0.97
CA SER B 169 19.35 -11.26 0.26
C SER B 169 20.82 -11.29 -0.22
N SER B 170 21.35 -10.14 -0.68
CA SER B 170 22.71 -10.00 -1.21
C SER B 170 23.79 -10.30 -0.14
N THR B 171 23.68 -9.72 1.09
CA THR B 171 24.63 -9.99 2.18
C THR B 171 24.17 -11.17 3.06
N LYS B 172 22.95 -11.69 2.84
CA LYS B 172 22.33 -12.79 3.62
C LYS B 172 22.17 -12.39 5.12
N THR B 173 22.02 -11.08 5.38
CA THR B 173 21.91 -10.54 6.72
C THR B 173 20.47 -10.44 7.19
N LEU B 174 20.20 -11.05 8.37
CA LEU B 174 18.93 -10.96 9.08
C LEU B 174 19.13 -9.95 10.24
N SER B 175 18.48 -8.79 10.16
CA SER B 175 18.62 -7.70 11.15
C SER B 175 17.32 -7.50 11.91
N VAL B 176 17.42 -7.32 13.25
CA VAL B 176 16.28 -7.19 14.17
C VAL B 176 16.45 -5.97 15.07
N ALA B 177 15.38 -5.17 15.22
CA ALA B 177 15.32 -4.00 16.10
C ALA B 177 14.06 -4.17 16.99
N VAL B 178 14.24 -4.17 18.33
CA VAL B 178 13.21 -4.42 19.35
C VAL B 178 13.08 -3.15 20.22
N THR B 179 11.91 -2.52 20.16
CA THR B 179 11.61 -1.28 20.88
C THR B 179 10.87 -1.60 22.16
N ASN B 180 11.67 -1.50 23.25
CA ASN B 180 11.38 -1.69 24.65
C ASN B 180 10.44 -0.60 25.20
N ASP B 181 9.76 -0.90 26.34
CA ASP B 181 8.79 0.02 26.95
C ASP B 181 9.50 1.18 27.73
N ASN B 182 10.78 1.01 28.10
CA ASN B 182 11.55 2.08 28.77
C ASN B 182 12.13 3.12 27.76
N GLY B 183 11.84 2.92 26.47
CA GLY B 183 12.26 3.78 25.37
C GLY B 183 13.50 3.36 24.58
N ASP B 184 14.36 2.51 25.18
CA ASP B 184 15.57 1.97 24.56
C ASP B 184 15.24 1.03 23.38
N ILE B 185 16.22 0.89 22.48
CA ILE B 185 16.17 -0.01 21.34
C ILE B 185 17.22 -1.13 21.57
N THR B 186 16.87 -2.36 21.20
CA THR B 186 17.73 -3.53 21.28
C THR B 186 17.87 -4.10 19.89
N THR B 187 19.09 -4.36 19.45
CA THR B 187 19.31 -4.92 18.12
C THR B 187 20.10 -6.21 18.20
N ILE B 188 19.95 -7.03 17.15
CA ILE B 188 20.67 -8.27 16.93
C ILE B 188 20.62 -8.55 15.42
N ALA B 189 21.77 -8.89 14.84
CA ALA B 189 21.90 -9.20 13.43
C ALA B 189 22.78 -10.42 13.26
N GLN B 190 22.53 -11.24 12.22
CA GLN B 190 23.25 -12.49 11.96
C GLN B 190 23.14 -12.86 10.50
N VAL B 191 24.26 -13.34 9.92
CA VAL B 191 24.28 -13.81 8.54
C VAL B 191 23.63 -15.20 8.55
N VAL B 192 22.52 -15.35 7.80
CA VAL B 192 21.79 -16.62 7.70
C VAL B 192 21.49 -16.87 6.21
N ASP B 193 22.04 -17.94 5.66
CA ASP B 193 21.83 -18.31 4.27
C ASP B 193 20.52 -19.07 4.16
N LEU B 194 19.41 -18.34 3.87
CA LEU B 194 18.06 -18.90 3.75
C LEU B 194 17.98 -19.92 2.58
N LYS B 195 18.78 -19.74 1.50
CA LYS B 195 18.85 -20.66 0.33
C LYS B 195 19.49 -22.03 0.70
N ALA B 196 20.40 -22.07 1.70
CA ALA B 196 21.07 -23.29 2.16
C ALA B 196 20.33 -23.98 3.31
N LYS B 197 19.52 -23.25 4.05
CA LYS B 197 18.87 -23.81 5.24
C LYS B 197 17.40 -24.13 5.02
N LEU B 198 16.71 -23.51 4.05
CA LEU B 198 15.26 -23.71 3.86
C LEU B 198 14.86 -24.03 2.39
N PRO B 199 13.71 -24.70 2.17
CA PRO B 199 13.28 -24.96 0.77
C PRO B 199 12.83 -23.65 0.10
N GLU B 200 12.57 -23.73 -1.22
CA GLU B 200 12.18 -22.62 -2.06
C GLU B 200 10.90 -21.93 -1.55
N ARG B 201 9.92 -22.74 -1.09
CA ARG B 201 8.63 -22.31 -0.57
C ARG B 201 8.59 -22.49 0.91
N VAL B 202 8.23 -21.42 1.63
CA VAL B 202 8.20 -21.42 3.08
C VAL B 202 6.91 -20.77 3.58
N LYS B 203 6.64 -20.95 4.88
CA LYS B 203 5.57 -20.26 5.57
C LYS B 203 6.18 -19.44 6.70
N PHE B 204 5.60 -18.28 6.96
CA PHE B 204 6.01 -17.34 8.02
C PHE B 204 4.95 -17.30 9.10
N GLY B 205 5.39 -17.11 10.34
CA GLY B 205 4.47 -17.03 11.45
C GLY B 205 5.03 -16.84 12.82
N PHE B 206 4.19 -17.13 13.82
CA PHE B 206 4.50 -16.98 15.23
C PHE B 206 4.16 -18.24 15.98
N SER B 207 4.92 -18.50 17.05
CA SER B 207 4.70 -19.63 17.91
C SER B 207 5.01 -19.27 19.35
N ALA B 208 4.28 -19.88 20.28
CA ALA B 208 4.50 -19.71 21.71
C ALA B 208 4.16 -21.00 22.43
N SER B 209 4.75 -21.18 23.62
CA SER B 209 4.52 -22.39 24.40
C SER B 209 4.64 -22.15 25.89
N GLY B 210 4.04 -23.08 26.63
CA GLY B 210 4.08 -23.13 28.08
C GLY B 210 4.41 -24.53 28.51
N SER B 211 4.53 -24.75 29.83
CA SER B 211 4.78 -26.05 30.41
C SER B 211 3.72 -26.32 31.49
N LEU B 212 3.99 -27.21 32.48
CA LEU B 212 3.06 -27.47 33.58
C LEU B 212 2.95 -26.24 34.51
N GLY B 213 4.09 -25.76 35.01
CA GLY B 213 4.15 -24.61 35.91
C GLY B 213 4.60 -23.30 35.30
N GLY B 214 4.87 -23.30 33.98
CA GLY B 214 5.33 -22.12 33.25
C GLY B 214 4.33 -21.71 32.20
N ARG B 215 3.46 -20.77 32.58
CA ARG B 215 2.35 -20.29 31.76
C ARG B 215 2.26 -18.75 31.83
N GLN B 216 1.88 -18.12 30.71
CA GLN B 216 1.69 -16.67 30.59
C GLN B 216 0.82 -16.34 29.37
N ILE B 217 0.36 -15.08 29.29
CA ILE B 217 -0.41 -14.60 28.15
C ILE B 217 0.60 -14.22 27.05
N HIS B 218 0.45 -14.84 25.87
CA HIS B 218 1.25 -14.57 24.68
C HIS B 218 0.32 -13.93 23.65
N LEU B 219 0.51 -12.64 23.32
CA LEU B 219 -0.39 -11.94 22.40
C LEU B 219 0.31 -11.36 21.21
N ILE B 220 -0.24 -11.60 20.03
CA ILE B 220 0.22 -10.95 18.79
C ILE B 220 -0.85 -9.90 18.48
N ARG B 221 -0.45 -8.60 18.50
CA ARG B 221 -1.34 -7.45 18.32
C ARG B 221 -1.49 -6.98 16.86
N SER B 222 -0.39 -6.96 16.09
CA SER B 222 -0.37 -6.54 14.70
C SER B 222 0.81 -7.16 13.96
N TRP B 223 0.76 -7.19 12.60
CA TRP B 223 1.79 -7.78 11.75
C TRP B 223 1.70 -7.24 10.31
N SER B 224 2.78 -6.67 9.79
CA SER B 224 2.87 -6.26 8.38
C SER B 224 4.08 -6.97 7.81
N PHE B 225 4.09 -7.22 6.51
CA PHE B 225 5.17 -7.97 5.84
C PHE B 225 5.22 -7.62 4.35
N THR B 226 6.43 -7.59 3.76
CA THR B 226 6.64 -7.38 2.33
C THR B 226 7.95 -8.06 1.90
N SER B 227 7.84 -8.95 0.92
CA SER B 227 8.96 -9.70 0.37
C SER B 227 8.98 -9.57 -1.14
N THR B 228 10.16 -9.43 -1.73
CA THR B 228 10.34 -9.29 -3.17
C THR B 228 11.43 -10.23 -3.64
N LEU B 229 11.14 -10.99 -4.71
CA LEU B 229 12.04 -11.91 -5.37
C LEU B 229 12.17 -11.50 -6.83
N ILE B 230 13.40 -11.17 -7.25
CA ILE B 230 13.71 -10.81 -8.63
C ILE B 230 13.54 -12.09 -9.49
N THR B 231 12.68 -12.02 -10.52
CA THR B 231 12.39 -13.14 -11.41
C THR B 231 13.07 -12.95 -12.79
N THR B 232 13.27 -14.07 -13.53
CA THR B 232 13.86 -14.08 -14.87
C THR B 232 12.92 -13.41 -15.88
N ALA C 1 21.90 2.86 30.37
CA ALA C 1 22.06 3.11 28.92
C ALA C 1 21.62 4.54 28.55
N GLU C 2 22.32 5.12 27.56
CA GLU C 2 22.08 6.48 27.04
C GLU C 2 21.28 6.42 25.74
N THR C 3 20.03 6.95 25.77
CA THR C 3 19.14 6.90 24.61
C THR C 3 18.67 8.28 24.13
N VAL C 4 18.66 8.46 22.81
CA VAL C 4 18.17 9.66 22.10
C VAL C 4 16.94 9.20 21.29
N SER C 5 15.80 9.84 21.52
CA SER C 5 14.57 9.47 20.86
C SER C 5 13.73 10.67 20.49
N PHE C 6 13.19 10.65 19.28
CA PHE C 6 12.30 11.69 18.77
C PHE C 6 11.42 11.14 17.62
N ASN C 7 10.31 11.84 17.35
CA ASN C 7 9.36 11.51 16.30
C ASN C 7 8.81 12.80 15.70
N PHE C 8 8.90 12.93 14.37
CA PHE C 8 8.42 14.06 13.59
C PHE C 8 7.38 13.59 12.58
N ASN C 9 6.13 13.97 12.80
CA ASN C 9 5.02 13.66 11.89
C ASN C 9 4.87 14.79 10.89
N SER C 10 5.39 15.96 11.30
CA SER C 10 5.43 17.23 10.60
C SER C 10 6.67 18.01 11.01
N PHE C 11 7.03 19.05 10.26
CA PHE C 11 8.18 19.91 10.56
C PHE C 11 7.76 21.39 10.44
N SER C 12 8.21 22.21 11.39
CA SER C 12 7.94 23.65 11.44
C SER C 12 9.27 24.37 11.39
N GLU C 13 9.39 25.38 10.53
CA GLU C 13 10.65 26.12 10.33
C GLU C 13 11.10 26.84 11.63
N GLY C 14 10.16 27.21 12.47
CA GLY C 14 10.42 27.93 13.72
C GLY C 14 11.10 27.15 14.83
N ASN C 15 10.80 25.84 14.94
CA ASN C 15 11.26 24.90 15.98
C ASN C 15 12.80 24.84 16.18
N PRO C 16 13.27 24.86 17.47
CA PRO C 16 14.73 24.80 17.72
C PRO C 16 15.34 23.40 17.56
N ALA C 17 14.54 22.31 17.59
CA ALA C 17 14.99 20.92 17.47
C ALA C 17 15.63 20.59 16.12
N ILE C 18 15.45 21.47 15.11
CA ILE C 18 16.02 21.27 13.77
C ILE C 18 16.85 22.48 13.33
N ASN C 19 17.97 22.19 12.65
CA ASN C 19 18.86 23.17 12.03
C ASN C 19 18.63 23.11 10.52
N PHE C 20 18.44 24.28 9.90
CA PHE C 20 18.18 24.40 8.47
C PHE C 20 19.39 25.03 7.77
N GLN C 21 19.87 24.38 6.70
CA GLN C 21 21.04 24.80 5.95
C GLN C 21 20.72 24.99 4.48
N GLY C 22 21.26 26.06 3.91
CA GLY C 22 21.07 26.36 2.50
C GLY C 22 19.68 26.82 2.10
N ASP C 23 19.17 26.22 1.00
CA ASP C 23 17.92 26.58 0.34
C ASP C 23 16.67 25.84 0.88
N VAL C 24 16.73 25.24 2.09
CA VAL C 24 15.60 24.51 2.70
C VAL C 24 14.50 25.46 3.14
N THR C 25 13.28 25.09 2.79
CA THR C 25 12.06 25.75 3.22
C THR C 25 11.15 24.72 3.86
N VAL C 26 10.18 25.19 4.66
CA VAL C 26 9.16 24.33 5.26
C VAL C 26 7.84 24.77 4.61
N LEU C 27 7.14 23.82 3.97
CA LEU C 27 5.85 24.06 3.33
C LEU C 27 4.76 24.15 4.42
N SER C 28 3.61 24.73 4.08
CA SER C 28 2.48 24.92 5.02
C SER C 28 1.93 23.59 5.54
N ASN C 29 2.05 22.49 4.77
CA ASN C 29 1.59 21.15 5.16
C ASN C 29 2.54 20.49 6.17
N GLY C 30 3.69 21.11 6.42
CA GLY C 30 4.68 20.59 7.37
C GLY C 30 5.83 19.87 6.72
N ASN C 31 5.79 19.67 5.39
CA ASN C 31 6.86 19.01 4.64
C ASN C 31 8.07 19.92 4.51
N ILE C 32 9.26 19.31 4.51
CA ILE C 32 10.52 20.01 4.30
C ILE C 32 10.85 19.89 2.83
N GLN C 33 11.06 21.02 2.14
CA GLN C 33 11.46 21.05 0.74
C GLN C 33 12.93 21.42 0.72
N LEU C 34 13.80 20.48 0.35
CA LEU C 34 15.25 20.68 0.40
C LEU C 34 15.80 21.59 -0.70
N THR C 35 15.33 21.51 -1.96
CA THR C 35 15.91 22.37 -3.00
C THR C 35 14.97 23.47 -3.54
N ASN C 36 15.59 24.58 -3.99
CA ASN C 36 14.92 25.73 -4.59
C ASN C 36 14.87 25.49 -6.10
N LEU C 37 13.66 25.30 -6.63
CA LEU C 37 13.38 25.00 -8.04
C LEU C 37 13.77 26.13 -9.03
N ASN C 38 14.00 27.36 -8.51
CA ASN C 38 14.36 28.53 -9.33
C ASN C 38 15.84 28.93 -9.17
N LYS C 39 16.63 28.16 -8.39
CA LYS C 39 18.05 28.39 -8.13
C LYS C 39 18.96 27.38 -8.83
N VAL C 40 20.08 27.85 -9.38
CA VAL C 40 21.10 27.05 -10.06
C VAL C 40 21.99 26.44 -8.98
N ASN C 41 22.36 25.15 -9.12
CA ASN C 41 23.21 24.38 -8.19
C ASN C 41 22.65 24.46 -6.75
N SER C 42 21.31 24.31 -6.62
CA SER C 42 20.58 24.39 -5.37
C SER C 42 20.98 23.25 -4.43
N VAL C 43 21.25 23.59 -3.15
CA VAL C 43 21.62 22.66 -2.08
C VAL C 43 20.85 23.05 -0.81
N GLY C 44 20.22 22.05 -0.20
CA GLY C 44 19.49 22.24 1.04
C GLY C 44 19.69 21.07 1.96
N ARG C 45 19.88 21.33 3.25
CA ARG C 45 20.10 20.29 4.24
C ARG C 45 19.36 20.54 5.56
N VAL C 46 19.03 19.43 6.22
CA VAL C 46 18.35 19.52 7.50
C VAL C 46 19.05 18.60 8.52
N LEU C 47 19.17 19.08 9.76
CA LEU C 47 19.85 18.30 10.80
C LEU C 47 19.11 18.36 12.10
N TYR C 48 19.13 17.25 12.85
CA TYR C 48 18.57 17.22 14.20
C TYR C 48 19.57 18.02 15.03
N ALA C 49 19.09 19.10 15.69
CA ALA C 49 19.93 20.11 16.37
C ALA C 49 20.81 19.57 17.49
N MET C 50 20.33 18.55 18.22
CA MET C 50 21.11 17.98 19.30
C MET C 50 22.12 16.96 18.77
N PRO C 51 23.41 17.09 19.13
CA PRO C 51 24.39 16.06 18.72
C PRO C 51 24.12 14.75 19.47
N VAL C 52 24.21 13.62 18.76
CA VAL C 52 24.00 12.29 19.30
C VAL C 52 25.37 11.62 19.42
N ARG C 53 25.68 11.17 20.64
CA ARG C 53 26.92 10.44 20.98
C ARG C 53 26.75 9.00 20.49
N ILE C 54 27.39 8.63 19.38
CA ILE C 54 27.27 7.31 18.74
C ILE C 54 28.34 6.33 19.24
N TRP C 55 29.40 6.81 19.95
CA TRP C 55 30.41 5.96 20.55
C TRP C 55 31.16 6.70 21.66
N SER C 56 31.80 5.91 22.55
CA SER C 56 32.52 6.38 23.71
C SER C 56 34.01 6.14 23.58
N SER C 57 34.85 7.15 23.89
CA SER C 57 36.31 6.96 23.90
C SER C 57 36.71 6.33 25.24
N ALA C 58 35.84 6.47 26.26
CA ALA C 58 36.04 5.91 27.59
C ALA C 58 35.74 4.41 27.64
N THR C 59 34.62 3.94 27.02
CA THR C 59 34.24 2.50 27.08
C THR C 59 34.55 1.74 25.80
N GLY C 60 34.59 2.45 24.66
CA GLY C 60 34.77 1.84 23.35
C GLY C 60 33.47 1.33 22.76
N ASN C 61 32.35 1.54 23.46
CA ASN C 61 31.02 1.05 23.06
C ASN C 61 30.44 1.92 21.95
N VAL C 62 29.74 1.27 21.00
CA VAL C 62 29.11 1.91 19.84
C VAL C 62 27.57 1.78 20.02
N ALA C 63 26.84 2.85 19.74
CA ALA C 63 25.38 2.84 19.83
C ALA C 63 24.75 2.04 18.69
N SER C 64 23.54 1.49 18.95
CA SER C 64 22.69 0.86 17.95
C SER C 64 21.60 1.87 17.60
N PHE C 65 20.89 1.70 16.48
CA PHE C 65 19.81 2.64 16.16
C PHE C 65 18.81 2.07 15.14
N LEU C 66 17.57 2.56 15.26
CA LEU C 66 16.44 2.26 14.39
C LEU C 66 15.90 3.61 13.92
N THR C 67 15.70 3.74 12.63
CA THR C 67 15.24 5.01 12.12
C THR C 67 14.38 4.77 10.92
N SER C 68 13.28 5.52 10.87
CA SER C 68 12.31 5.44 9.80
C SER C 68 11.98 6.84 9.30
N PHE C 69 11.84 6.97 8.00
CA PHE C 69 11.48 8.23 7.38
C PHE C 69 10.70 8.01 6.09
N SER C 70 10.00 9.05 5.65
CA SER C 70 9.28 9.06 4.39
C SER C 70 9.64 10.33 3.59
N PHE C 71 9.85 10.15 2.28
CA PHE C 71 10.21 11.22 1.35
C PHE C 71 9.39 11.16 0.06
N GLU C 72 9.47 12.25 -0.74
CA GLU C 72 8.82 12.35 -2.04
C GLU C 72 9.70 13.12 -3.00
N MET C 73 9.88 12.56 -4.20
CA MET C 73 10.58 13.20 -5.29
C MET C 73 9.61 13.35 -6.44
N LYS C 74 9.48 14.57 -6.96
CA LYS C 74 8.54 14.87 -8.04
C LYS C 74 9.20 15.68 -9.15
N ASP C 75 8.98 15.25 -10.41
CA ASP C 75 9.48 15.89 -11.62
C ASP C 75 8.85 17.27 -11.80
N ILE C 76 9.61 18.20 -12.38
CA ILE C 76 9.12 19.54 -12.72
C ILE C 76 9.31 19.73 -14.22
N LYS C 77 8.39 20.47 -14.84
CA LYS C 77 8.37 20.75 -16.28
C LYS C 77 9.70 21.29 -16.78
N ASP C 78 10.19 20.76 -17.93
CA ASP C 78 11.40 21.13 -18.69
C ASP C 78 12.74 20.69 -18.05
N TYR C 79 12.81 20.56 -16.71
CA TYR C 79 14.06 20.16 -16.05
C TYR C 79 14.18 18.66 -15.88
N ASP C 80 15.43 18.16 -15.94
CA ASP C 80 15.81 16.76 -15.77
C ASP C 80 15.64 16.40 -14.29
N PRO C 81 14.84 15.36 -13.93
CA PRO C 81 14.65 15.04 -12.50
C PRO C 81 15.97 14.57 -11.87
N ALA C 82 16.63 15.50 -11.14
CA ALA C 82 17.95 15.27 -10.52
C ALA C 82 18.14 16.16 -9.26
N ASP C 83 19.07 15.83 -8.32
CA ASP C 83 20.01 14.71 -8.35
C ASP C 83 19.71 13.64 -7.29
N GLY C 84 18.84 13.93 -6.33
CA GLY C 84 18.45 12.98 -5.30
C GLY C 84 18.59 13.43 -3.85
N ILE C 85 18.14 12.57 -2.91
CA ILE C 85 18.21 12.79 -1.47
C ILE C 85 19.22 11.85 -0.83
N ILE C 86 19.95 12.34 0.18
CA ILE C 86 20.87 11.53 0.95
C ILE C 86 20.55 11.71 2.45
N PHE C 87 20.36 10.58 3.15
CA PHE C 87 20.19 10.54 4.60
C PHE C 87 21.61 10.38 5.08
N PHE C 88 22.11 11.32 5.90
CA PHE C 88 23.52 11.26 6.26
C PHE C 88 23.78 11.47 7.75
N ILE C 89 25.00 11.08 8.14
CA ILE C 89 25.58 11.18 9.47
C ILE C 89 26.93 11.86 9.28
N ALA C 90 27.21 12.92 10.05
CA ALA C 90 28.45 13.69 9.90
C ALA C 90 28.89 14.34 11.24
N PRO C 91 30.13 14.89 11.35
CA PRO C 91 30.52 15.57 12.62
C PRO C 91 29.57 16.72 12.97
N GLU C 92 29.35 16.98 14.26
CA GLU C 92 28.39 18.01 14.74
C GLU C 92 28.57 19.41 14.11
N ASP C 93 29.80 19.78 13.67
CA ASP C 93 30.08 21.10 13.06
C ASP C 93 29.77 21.15 11.54
N THR C 94 29.25 20.05 10.96
CA THR C 94 28.99 19.91 9.51
C THR C 94 28.23 21.10 8.90
N GLN C 95 28.69 21.53 7.72
CA GLN C 95 28.12 22.61 6.91
C GLN C 95 28.13 22.19 5.44
N ILE C 96 27.34 22.86 4.59
CA ILE C 96 27.35 22.60 3.15
C ILE C 96 28.79 22.86 2.66
N PRO C 97 29.45 21.92 1.93
CA PRO C 97 30.84 22.18 1.48
C PRO C 97 30.97 23.53 0.77
N ALA C 98 31.99 24.32 1.13
CA ALA C 98 32.26 25.65 0.59
C ALA C 98 32.39 25.62 -0.94
N GLY C 99 31.62 26.49 -1.60
CA GLY C 99 31.57 26.62 -3.05
C GLY C 99 30.98 25.40 -3.74
N SER C 100 29.98 24.77 -3.06
CA SER C 100 29.29 23.56 -3.51
C SER C 100 28.72 23.72 -4.91
N ILE C 101 28.98 22.73 -5.77
CA ILE C 101 28.50 22.70 -7.14
C ILE C 101 27.14 21.99 -7.22
N GLY C 102 26.64 21.52 -6.07
CA GLY C 102 25.39 20.76 -5.98
C GLY C 102 25.48 19.50 -6.82
N GLY C 103 24.39 19.15 -7.47
CA GLY C 103 24.31 17.99 -8.36
C GLY C 103 24.72 16.66 -7.78
N GLY C 104 25.64 15.98 -8.47
CA GLY C 104 26.15 14.66 -8.10
C GLY C 104 26.76 14.56 -6.72
N THR C 105 27.12 15.70 -6.11
CA THR C 105 27.70 15.80 -4.77
C THR C 105 26.65 15.52 -3.68
N LEU C 106 25.35 15.73 -4.02
CA LEU C 106 24.17 15.55 -3.14
C LEU C 106 24.24 16.45 -1.90
N GLY C 107 25.00 17.55 -2.02
CA GLY C 107 25.22 18.56 -1.00
C GLY C 107 26.06 18.16 0.20
N VAL C 108 26.75 17.01 0.12
CA VAL C 108 27.57 16.50 1.23
C VAL C 108 29.06 16.36 0.86
N SER C 109 29.43 16.55 -0.41
CA SER C 109 30.82 16.37 -0.84
C SER C 109 31.34 17.51 -1.74
N ASP C 110 32.65 17.50 -2.05
CA ASP C 110 33.30 18.46 -2.93
C ASP C 110 33.10 18.04 -4.40
N THR C 111 33.72 18.75 -5.36
CA THR C 111 33.63 18.47 -6.80
C THR C 111 34.17 17.06 -7.14
N LYS C 112 35.25 16.60 -6.45
CA LYS C 112 35.84 15.27 -6.65
C LYS C 112 34.97 14.15 -6.03
N GLY C 113 33.96 14.53 -5.24
CA GLY C 113 33.03 13.62 -4.60
C GLY C 113 33.44 13.15 -3.22
N ALA C 114 34.44 13.81 -2.62
CA ALA C 114 34.94 13.46 -1.29
C ALA C 114 34.33 14.33 -0.20
N GLY C 115 34.12 13.74 0.96
CA GLY C 115 33.55 14.40 2.13
C GLY C 115 33.81 13.64 3.42
N HIS C 116 33.24 14.14 4.52
CA HIS C 116 33.32 13.53 5.84
C HIS C 116 31.88 13.25 6.29
N PHE C 117 31.40 12.04 5.94
CA PHE C 117 30.03 11.60 6.17
C PHE C 117 29.83 10.11 5.89
N VAL C 118 28.78 9.53 6.47
CA VAL C 118 28.30 8.18 6.19
C VAL C 118 26.84 8.38 5.80
N GLY C 119 26.41 7.84 4.65
CA GLY C 119 25.05 8.06 4.22
C GLY C 119 24.38 7.00 3.37
N VAL C 120 23.06 7.15 3.24
CA VAL C 120 22.17 6.32 2.42
C VAL C 120 21.57 7.25 1.38
N GLU C 121 22.04 7.14 0.14
CA GLU C 121 21.61 7.98 -0.97
C GLU C 121 20.52 7.32 -1.81
N PHE C 122 19.59 8.15 -2.29
CA PHE C 122 18.48 7.81 -3.17
C PHE C 122 18.74 8.61 -4.42
N ASP C 123 19.68 8.10 -5.25
CA ASP C 123 20.19 8.76 -6.46
C ASP C 123 19.34 8.51 -7.70
N THR C 124 18.94 9.64 -8.33
CA THR C 124 18.06 9.72 -9.49
C THR C 124 18.77 10.19 -10.79
N TYR C 125 20.12 10.33 -10.77
CA TYR C 125 20.89 10.72 -11.96
C TYR C 125 22.22 9.96 -12.00
N SER C 126 22.66 9.53 -13.21
CA SER C 126 23.91 8.80 -13.37
C SER C 126 25.09 9.72 -13.68
N ASN C 127 25.93 9.95 -12.67
CA ASN C 127 27.15 10.75 -12.78
C ASN C 127 28.33 9.81 -13.01
N SER C 128 28.91 9.84 -14.24
CA SER C 128 30.05 8.98 -14.60
C SER C 128 31.31 9.37 -13.81
N GLU C 129 31.42 10.66 -13.42
CA GLU C 129 32.52 11.22 -12.63
C GLU C 129 32.57 10.62 -11.20
N TYR C 130 31.44 10.06 -10.70
CA TYR C 130 31.38 9.41 -9.38
C TYR C 130 31.09 7.90 -9.51
N ASN C 131 31.33 7.33 -10.73
CA ASN C 131 31.14 5.93 -11.11
C ASN C 131 29.75 5.40 -10.70
N ASP C 132 28.69 6.18 -10.99
CA ASP C 132 27.30 5.83 -10.70
C ASP C 132 26.82 4.67 -11.57
N PRO C 133 25.97 3.74 -11.03
CA PRO C 133 25.41 2.69 -11.90
C PRO C 133 24.52 3.31 -13.00
N PRO C 134 24.16 2.58 -14.09
CA PRO C 134 23.42 3.23 -15.20
C PRO C 134 22.00 3.72 -14.89
N THR C 135 21.29 3.12 -13.91
CA THR C 135 19.91 3.49 -13.57
C THR C 135 19.80 4.13 -12.18
N ASP C 136 18.58 4.56 -11.77
CA ASP C 136 18.30 5.08 -10.42
C ASP C 136 18.75 4.04 -9.39
N HIS C 137 19.32 4.48 -8.25
CA HIS C 137 19.84 3.53 -7.28
C HIS C 137 19.85 4.02 -5.85
N VAL C 138 19.80 3.06 -4.90
CA VAL C 138 19.97 3.27 -3.47
C VAL C 138 21.42 2.91 -3.20
N GLY C 139 22.13 3.73 -2.42
CA GLY C 139 23.54 3.45 -2.15
C GLY C 139 24.00 3.71 -0.74
N ILE C 140 25.06 2.98 -0.31
CA ILE C 140 25.69 3.15 0.99
C ILE C 140 27.03 3.86 0.76
N ASP C 141 27.11 5.11 1.22
CA ASP C 141 28.23 6.03 1.05
C ASP C 141 29.08 6.16 2.30
N VAL C 142 30.41 6.09 2.12
CA VAL C 142 31.37 6.26 3.23
C VAL C 142 32.42 7.25 2.76
N ASN C 143 32.27 8.52 3.18
CA ASN C 143 33.13 9.66 2.88
C ASN C 143 33.24 9.94 1.36
N SER C 144 32.29 9.44 0.56
CA SER C 144 32.29 9.62 -0.89
C SER C 144 30.93 9.35 -1.50
N VAL C 145 30.59 10.09 -2.58
CA VAL C 145 29.36 9.88 -3.35
C VAL C 145 29.64 8.77 -4.40
N ASP C 146 30.89 8.25 -4.43
CA ASP C 146 31.25 7.07 -5.20
C ASP C 146 30.98 5.94 -4.20
N SER C 147 29.72 5.44 -4.22
CA SER C 147 29.17 4.46 -3.29
C SER C 147 30.02 3.22 -3.07
N VAL C 148 30.05 2.75 -1.81
CA VAL C 148 30.72 1.52 -1.38
C VAL C 148 29.93 0.35 -2.02
N LYS C 149 28.59 0.52 -2.10
CA LYS C 149 27.66 -0.45 -2.64
C LYS C 149 26.40 0.26 -3.13
N THR C 150 25.78 -0.26 -4.20
CA THR C 150 24.53 0.24 -4.78
C THR C 150 23.59 -0.91 -5.07
N VAL C 151 22.30 -0.59 -5.15
CA VAL C 151 21.27 -1.55 -5.53
C VAL C 151 20.37 -0.84 -6.54
N PRO C 152 20.02 -1.49 -7.69
CA PRO C 152 19.11 -0.85 -8.66
C PRO C 152 17.76 -0.55 -8.03
N TRP C 153 17.23 0.64 -8.32
CA TRP C 153 16.00 1.19 -7.77
C TRP C 153 15.28 2.01 -8.85
N ASN C 154 14.07 2.48 -8.56
CA ASN C 154 13.30 3.31 -9.50
C ASN C 154 12.62 4.43 -8.71
N SER C 155 12.97 5.68 -9.04
CA SER C 155 12.35 6.85 -8.40
C SER C 155 11.13 7.24 -9.21
N VAL C 156 9.95 7.03 -8.61
CA VAL C 156 8.66 7.34 -9.23
C VAL C 156 8.21 8.75 -8.77
N SER C 157 7.96 9.64 -9.76
CA SER C 157 7.53 11.02 -9.55
C SER C 157 6.20 11.10 -8.81
N GLY C 158 6.20 11.87 -7.72
CA GLY C 158 5.03 12.11 -6.86
C GLY C 158 4.67 10.97 -5.94
N ALA C 159 5.52 9.93 -5.87
CA ALA C 159 5.27 8.76 -5.05
C ALA C 159 5.89 8.91 -3.67
N VAL C 160 5.14 8.49 -2.65
CA VAL C 160 5.60 8.51 -1.28
C VAL C 160 6.36 7.18 -1.07
N VAL C 161 7.61 7.32 -0.57
CA VAL C 161 8.56 6.24 -0.33
C VAL C 161 8.83 6.12 1.20
N LYS C 162 8.75 4.91 1.73
CA LYS C 162 9.03 4.62 3.14
C LYS C 162 10.39 3.94 3.24
N VAL C 163 11.19 4.35 4.24
CA VAL C 163 12.53 3.80 4.47
C VAL C 163 12.64 3.37 5.93
N THR C 164 13.30 2.23 6.15
CA THR C 164 13.58 1.68 7.47
C THR C 164 15.08 1.34 7.48
N VAL C 165 15.79 1.90 8.47
CA VAL C 165 17.24 1.71 8.62
C VAL C 165 17.53 1.14 10.03
N ILE C 166 18.30 0.06 10.06
CA ILE C 166 18.78 -0.56 11.29
C ILE C 166 20.29 -0.54 11.27
N TYR C 167 20.92 0.01 12.33
CA TYR C 167 22.35 -0.10 12.53
C TYR C 167 22.58 -0.95 13.78
N ASP C 168 23.18 -2.12 13.59
CA ASP C 168 23.50 -3.06 14.68
C ASP C 168 24.94 -2.82 15.04
N SER C 169 25.21 -2.29 16.24
CA SER C 169 26.56 -1.93 16.66
C SER C 169 27.53 -3.14 16.77
N SER C 170 27.02 -4.31 17.24
CA SER C 170 27.80 -5.54 17.44
C SER C 170 28.39 -6.09 16.11
N THR C 171 27.56 -6.22 15.05
CA THR C 171 28.01 -6.70 13.73
C THR C 171 28.47 -5.55 12.83
N LYS C 172 28.29 -4.28 13.26
CA LYS C 172 28.61 -3.03 12.51
C LYS C 172 27.84 -2.99 11.16
N THR C 173 26.65 -3.61 11.14
CA THR C 173 25.84 -3.70 9.93
C THR C 173 24.82 -2.57 9.84
N LEU C 174 24.85 -1.86 8.72
CA LEU C 174 23.88 -0.84 8.33
C LEU C 174 22.92 -1.49 7.33
N SER C 175 21.68 -1.75 7.74
CA SER C 175 20.65 -2.39 6.90
C SER C 175 19.57 -1.39 6.50
N VAL C 176 19.20 -1.36 5.21
CA VAL C 176 18.22 -0.45 4.63
C VAL C 176 17.11 -1.25 3.90
N ALA C 177 15.85 -0.90 4.16
CA ALA C 177 14.66 -1.44 3.49
C ALA C 177 13.85 -0.26 2.97
N VAL C 178 13.63 -0.26 1.65
CA VAL C 178 12.95 0.82 0.93
C VAL C 178 11.66 0.26 0.31
N THR C 179 10.51 0.84 0.70
CA THR C 179 9.19 0.43 0.23
C THR C 179 8.69 1.37 -0.87
N ASN C 180 8.68 0.83 -2.12
CA ASN C 180 8.23 1.53 -3.32
C ASN C 180 6.70 1.61 -3.40
N ASP C 181 6.19 2.52 -4.24
CA ASP C 181 4.76 2.78 -4.45
C ASP C 181 4.03 1.58 -5.08
N ASN C 182 4.73 0.83 -5.95
CA ASN C 182 4.17 -0.35 -6.63
C ASN C 182 4.10 -1.60 -5.71
N GLY C 183 4.52 -1.46 -4.45
CA GLY C 183 4.47 -2.51 -3.44
C GLY C 183 5.75 -3.27 -3.17
N ASP C 184 6.70 -3.24 -4.13
CA ASP C 184 7.99 -3.92 -4.01
C ASP C 184 8.89 -3.32 -2.91
N ILE C 185 9.77 -4.13 -2.35
CA ILE C 185 10.75 -3.72 -1.34
C ILE C 185 12.13 -3.87 -1.94
N THR C 186 13.01 -2.89 -1.65
CA THR C 186 14.41 -2.89 -2.09
C THR C 186 15.28 -2.81 -0.86
N THR C 187 16.22 -3.75 -0.73
CA THR C 187 17.14 -3.76 0.39
C THR C 187 18.58 -3.59 -0.05
N ILE C 188 19.41 -3.10 0.88
CA ILE C 188 20.84 -2.93 0.75
C ILE C 188 21.42 -2.89 2.17
N ALA C 189 22.45 -3.71 2.41
CA ALA C 189 23.12 -3.78 3.69
C ALA C 189 24.62 -3.75 3.48
N GLN C 190 25.37 -3.12 4.40
CA GLN C 190 26.82 -2.96 4.32
C GLN C 190 27.42 -2.83 5.70
N VAL C 191 28.54 -3.50 5.93
CA VAL C 191 29.28 -3.39 7.18
C VAL C 191 30.00 -2.03 7.14
N VAL C 192 29.70 -1.15 8.09
CA VAL C 192 30.29 0.17 8.18
C VAL C 192 30.71 0.39 9.65
N ASP C 193 32.04 0.53 9.87
CA ASP C 193 32.57 0.79 11.20
C ASP C 193 32.44 2.28 11.50
N LEU C 194 31.37 2.63 12.25
CA LEU C 194 31.08 4.03 12.57
C LEU C 194 32.14 4.71 13.45
N LYS C 195 32.77 3.94 14.37
CA LYS C 195 33.82 4.40 15.26
C LYS C 195 35.06 4.79 14.44
N ALA C 196 35.37 3.99 13.40
CA ALA C 196 36.57 4.26 12.61
C ALA C 196 36.35 5.41 11.61
N LYS C 197 35.10 5.62 11.17
CA LYS C 197 34.84 6.64 10.16
C LYS C 197 34.28 7.97 10.69
N LEU C 198 33.69 7.98 11.89
CA LEU C 198 33.05 9.18 12.41
C LEU C 198 33.49 9.55 13.84
N PRO C 199 33.32 10.84 14.27
CA PRO C 199 33.63 11.18 15.66
C PRO C 199 32.58 10.63 16.64
N GLU C 200 32.87 10.78 17.94
CA GLU C 200 31.99 10.35 19.05
C GLU C 200 30.63 11.02 18.97
N ARG C 201 30.62 12.36 18.75
CA ARG C 201 29.39 13.13 18.63
C ARG C 201 29.14 13.49 17.18
N VAL C 202 27.95 13.09 16.71
CA VAL C 202 27.57 13.34 15.33
C VAL C 202 26.19 13.99 15.24
N LYS C 203 25.89 14.51 14.04
CA LYS C 203 24.57 15.01 13.71
C LYS C 203 24.00 14.18 12.57
N PHE C 204 22.68 13.96 12.64
CA PHE C 204 21.94 13.18 11.67
C PHE C 204 21.01 14.10 10.87
N GLY C 205 20.81 13.79 9.60
CA GLY C 205 19.91 14.56 8.77
C GLY C 205 19.76 14.14 7.33
N PHE C 206 19.27 15.07 6.52
CA PHE C 206 18.96 14.90 5.11
C PHE C 206 19.55 16.00 4.27
N SER C 207 19.90 15.69 3.03
CA SER C 207 20.45 16.64 2.09
C SER C 207 19.98 16.32 0.67
N ALA C 208 19.80 17.36 -0.14
CA ALA C 208 19.44 17.22 -1.56
C ALA C 208 20.06 18.35 -2.36
N SER C 209 20.23 18.11 -3.66
CA SER C 209 20.84 19.08 -4.57
C SER C 209 20.36 18.95 -6.00
N GLY C 210 20.52 20.05 -6.73
CA GLY C 210 20.20 20.18 -8.14
C GLY C 210 21.31 20.91 -8.85
N SER C 211 21.17 21.12 -10.16
CA SER C 211 22.16 21.82 -10.98
C SER C 211 21.47 22.90 -11.83
N LEU C 212 22.06 23.28 -12.97
CA LEU C 212 21.49 24.27 -13.90
C LEU C 212 20.27 23.64 -14.61
N GLY C 213 20.47 22.47 -15.24
CA GLY C 213 19.42 21.75 -15.96
C GLY C 213 18.80 20.56 -15.25
N GLY C 214 19.38 20.17 -14.12
CA GLY C 214 18.90 19.02 -13.33
C GLY C 214 18.27 19.41 -12.00
N ARG C 215 16.93 19.59 -11.99
CA ARG C 215 16.15 20.00 -10.82
C ARG C 215 14.90 19.13 -10.65
N GLN C 216 14.41 19.02 -9.38
CA GLN C 216 13.22 18.26 -9.00
C GLN C 216 12.80 18.62 -7.56
N ILE C 217 11.54 18.33 -7.19
CA ILE C 217 11.04 18.57 -5.83
C ILE C 217 11.58 17.45 -4.93
N HIS C 218 12.28 17.83 -3.86
CA HIS C 218 12.83 16.92 -2.85
C HIS C 218 12.09 17.18 -1.55
N LEU C 219 11.29 16.22 -1.05
CA LEU C 219 10.50 16.44 0.16
C LEU C 219 10.73 15.41 1.26
N ILE C 220 10.88 15.86 2.52
CA ILE C 220 10.95 15.00 3.71
C ILE C 220 9.63 15.17 4.44
N ARG C 221 8.82 14.10 4.46
CA ARG C 221 7.48 14.08 5.03
C ARG C 221 7.42 13.77 6.54
N SER C 222 8.21 12.79 7.01
CA SER C 222 8.23 12.38 8.41
C SER C 222 9.57 11.73 8.77
N TRP C 223 9.89 11.65 10.07
CA TRP C 223 11.13 11.07 10.57
C TRP C 223 11.03 10.63 12.03
N SER C 224 11.38 9.37 12.32
CA SER C 224 11.42 8.81 13.67
C SER C 224 12.79 8.21 13.91
N PHE C 225 13.36 8.42 15.10
CA PHE C 225 14.69 7.89 15.40
C PHE C 225 14.78 7.54 16.88
N THR C 226 15.50 6.44 17.18
CA THR C 226 15.79 5.98 18.55
C THR C 226 17.14 5.27 18.54
N SER C 227 18.08 5.77 19.34
CA SER C 227 19.41 5.20 19.40
C SER C 227 19.76 4.94 20.84
N THR C 228 20.47 3.86 21.11
CA THR C 228 20.85 3.46 22.47
C THR C 228 22.32 3.09 22.51
N LEU C 229 23.02 3.70 23.45
CA LEU C 229 24.44 3.44 23.70
C LEU C 229 24.58 2.88 25.13
N ILE C 230 25.19 1.69 25.26
CA ILE C 230 25.43 1.04 26.57
C ILE C 230 26.55 1.84 27.27
N THR C 231 26.28 2.30 28.51
CA THR C 231 27.22 3.10 29.29
C THR C 231 27.91 2.27 30.42
N THR C 232 27.63 0.95 30.53
CA THR C 232 28.25 0.08 31.53
C THR C 232 29.27 -0.87 30.85
N ALA D 1 -18.84 8.89 -30.39
CA ALA D 1 -18.96 9.25 -28.97
C ALA D 1 -18.11 10.47 -28.61
N GLU D 2 -18.61 11.31 -27.69
CA GLU D 2 -17.96 12.54 -27.21
C GLU D 2 -17.27 12.26 -25.85
N THR D 3 -15.92 12.33 -25.85
CA THR D 3 -15.14 12.05 -24.65
C THR D 3 -14.25 13.21 -24.22
N VAL D 4 -14.23 13.46 -22.91
CA VAL D 4 -13.40 14.46 -22.23
C VAL D 4 -12.45 13.66 -21.34
N SER D 5 -11.13 13.85 -21.54
CA SER D 5 -10.13 13.13 -20.77
C SER D 5 -8.95 14.02 -20.42
N PHE D 6 -8.46 13.93 -19.19
CA PHE D 6 -7.33 14.72 -18.70
C PHE D 6 -6.64 14.00 -17.55
N ASN D 7 -5.41 14.42 -17.28
CA ASN D 7 -4.62 13.84 -16.20
C ASN D 7 -3.71 14.91 -15.62
N PHE D 8 -3.78 15.06 -14.30
CA PHE D 8 -2.96 15.99 -13.51
C PHE D 8 -2.17 15.21 -12.49
N ASN D 9 -0.84 15.15 -12.67
CA ASN D 9 0.08 14.50 -11.74
C ASN D 9 0.58 15.54 -10.76
N SER D 10 0.50 16.80 -11.18
CA SER D 10 0.88 18.02 -10.48
C SER D 10 0.02 19.17 -10.95
N PHE D 11 0.12 20.32 -10.28
CA PHE D 11 -0.63 21.51 -10.65
C PHE D 11 0.29 22.72 -10.69
N SER D 12 -0.10 23.74 -11.46
CA SER D 12 0.68 24.97 -11.61
C SER D 12 -0.22 26.19 -11.67
N GLU D 13 0.24 27.32 -11.09
CA GLU D 13 -0.48 28.59 -11.03
C GLU D 13 -0.78 29.18 -12.41
N GLY D 14 0.13 29.09 -13.36
CA GLY D 14 -0.10 29.64 -14.70
C GLY D 14 -0.70 28.64 -15.68
N ASN D 15 -1.72 27.87 -15.25
CA ASN D 15 -2.35 26.84 -16.08
C ASN D 15 -3.79 27.26 -16.43
N PRO D 16 -4.08 27.60 -17.71
CA PRO D 16 -5.44 28.04 -18.07
C PRO D 16 -6.49 26.92 -17.97
N ALA D 17 -6.06 25.66 -17.87
CA ALA D 17 -6.95 24.50 -17.75
C ALA D 17 -7.68 24.44 -16.39
N ILE D 18 -7.25 25.25 -15.38
CA ILE D 18 -7.86 25.25 -14.05
C ILE D 18 -8.27 26.66 -13.59
N ASN D 19 -9.51 26.78 -13.06
CA ASN D 19 -10.08 27.98 -12.46
C ASN D 19 -9.82 27.94 -10.96
N PHE D 20 -9.15 28.97 -10.43
CA PHE D 20 -8.87 29.06 -8.99
C PHE D 20 -9.83 30.03 -8.34
N GLN D 21 -10.51 29.60 -7.27
CA GLN D 21 -11.52 30.41 -6.59
C GLN D 21 -11.20 30.58 -5.13
N GLY D 22 -11.43 31.79 -4.64
CA GLY D 22 -11.21 32.16 -3.25
C GLY D 22 -9.80 32.09 -2.72
N ASP D 23 -9.65 31.49 -1.54
CA ASP D 23 -8.43 31.36 -0.76
C ASP D 23 -7.48 30.22 -1.20
N VAL D 24 -7.68 29.63 -2.40
CA VAL D 24 -6.84 28.56 -2.95
C VAL D 24 -5.45 29.11 -3.48
N THR D 25 -4.36 28.30 -3.29
CA THR D 25 -2.99 28.53 -3.73
C THR D 25 -2.38 27.23 -4.30
N VAL D 26 -1.26 27.33 -5.02
CA VAL D 26 -0.52 26.18 -5.52
C VAL D 26 0.85 26.19 -4.83
N LEU D 27 1.17 25.10 -4.13
CA LEU D 27 2.44 24.95 -3.43
C LEU D 27 3.55 24.64 -4.46
N SER D 28 4.81 24.84 -4.07
CA SER D 28 5.98 24.62 -4.94
C SER D 28 6.10 23.15 -5.38
N ASN D 29 5.60 22.19 -4.57
CA ASN D 29 5.63 20.77 -4.89
C ASN D 29 4.57 20.38 -5.96
N GLY D 30 3.70 21.32 -6.31
CA GLY D 30 2.65 21.09 -7.29
C GLY D 30 1.29 20.79 -6.71
N ASN D 31 1.19 20.67 -5.37
CA ASN D 31 -0.06 20.42 -4.67
C ASN D 31 -0.92 21.68 -4.63
N ILE D 32 -2.24 21.48 -4.67
CA ILE D 32 -3.21 22.56 -4.54
C ILE D 32 -3.61 22.60 -3.07
N GLN D 33 -3.49 23.77 -2.45
CA GLN D 33 -3.91 23.97 -1.05
C GLN D 33 -5.19 24.77 -1.10
N LEU D 34 -6.30 24.16 -0.64
CA LEU D 34 -7.61 24.78 -0.76
C LEU D 34 -7.90 25.89 0.27
N THR D 35 -7.50 25.72 1.55
CA THR D 35 -7.80 26.75 2.55
C THR D 35 -6.56 27.54 3.06
N ASN D 36 -6.82 28.71 3.69
CA ASN D 36 -5.84 29.64 4.26
C ASN D 36 -5.87 29.54 5.79
N LEU D 37 -4.83 28.93 6.37
CA LEU D 37 -4.70 28.69 7.81
C LEU D 37 -4.77 29.99 8.64
N ASN D 38 -4.42 31.14 8.05
CA ASN D 38 -4.39 32.44 8.72
C ASN D 38 -5.71 33.23 8.57
N LYS D 39 -6.71 32.67 7.85
CA LYS D 39 -7.99 33.32 7.57
C LYS D 39 -9.17 32.68 8.30
N VAL D 40 -10.07 33.53 8.82
CA VAL D 40 -11.32 33.16 9.49
C VAL D 40 -12.36 32.87 8.39
N ASN D 41 -13.18 31.79 8.56
CA ASN D 41 -14.23 31.34 7.63
C ASN D 41 -13.68 31.12 6.20
N SER D 42 -12.41 30.64 6.08
CA SER D 42 -11.70 30.47 4.80
C SER D 42 -12.37 29.48 3.85
N VAL D 43 -12.42 29.83 2.56
CA VAL D 43 -13.03 29.03 1.49
C VAL D 43 -12.15 29.13 0.23
N GLY D 44 -11.82 27.98 -0.36
CA GLY D 44 -11.02 27.83 -1.57
C GLY D 44 -11.49 26.67 -2.44
N ARG D 45 -11.58 26.89 -3.75
CA ARG D 45 -12.09 25.91 -4.72
C ARG D 45 -11.25 25.88 -6.00
N VAL D 46 -11.18 24.69 -6.65
CA VAL D 46 -10.54 24.52 -7.96
C VAL D 46 -11.52 23.84 -8.93
N LEU D 47 -11.62 24.36 -10.15
CA LEU D 47 -12.49 23.79 -11.17
C LEU D 47 -11.73 23.53 -12.46
N TYR D 48 -12.11 22.46 -13.18
CA TYR D 48 -11.55 22.21 -14.50
C TYR D 48 -12.23 23.27 -15.38
N ALA D 49 -11.43 24.12 -16.07
CA ALA D 49 -11.91 25.30 -16.80
C ALA D 49 -12.89 24.99 -17.94
N MET D 50 -12.74 23.84 -18.60
CA MET D 50 -13.64 23.48 -19.69
C MET D 50 -14.93 22.84 -19.16
N PRO D 51 -16.12 23.38 -19.57
CA PRO D 51 -17.39 22.75 -19.15
C PRO D 51 -17.56 21.39 -19.81
N VAL D 52 -18.09 20.42 -19.06
CA VAL D 52 -18.27 19.06 -19.55
C VAL D 52 -19.77 18.86 -19.78
N ARG D 53 -20.11 18.48 -21.02
CA ARG D 53 -21.48 18.19 -21.43
C ARG D 53 -21.81 16.79 -20.88
N ILE D 54 -22.54 16.74 -19.76
CA ILE D 54 -22.92 15.50 -19.07
C ILE D 54 -24.25 14.89 -19.61
N TRP D 55 -25.00 15.66 -20.40
CA TRP D 55 -26.23 15.19 -21.04
C TRP D 55 -26.57 16.07 -22.23
N SER D 56 -27.30 15.50 -23.18
CA SER D 56 -27.66 16.13 -24.43
C SER D 56 -29.15 16.40 -24.46
N SER D 57 -29.55 17.65 -24.77
CA SER D 57 -30.96 18.01 -24.93
C SER D 57 -31.45 17.49 -26.29
N ALA D 58 -30.49 17.27 -27.21
CA ALA D 58 -30.71 16.77 -28.57
C ALA D 58 -31.01 15.26 -28.59
N THR D 59 -30.25 14.42 -27.85
CA THR D 59 -30.47 12.97 -27.88
C THR D 59 -31.14 12.42 -26.60
N GLY D 60 -31.01 13.15 -25.49
CA GLY D 60 -31.51 12.73 -24.18
C GLY D 60 -30.52 11.83 -23.45
N ASN D 61 -29.36 11.54 -24.07
CA ASN D 61 -28.31 10.66 -23.54
C ASN D 61 -27.55 11.34 -22.40
N VAL D 62 -27.16 10.54 -21.38
CA VAL D 62 -26.42 10.96 -20.20
C VAL D 62 -25.03 10.32 -20.26
N ALA D 63 -23.98 11.08 -19.91
CA ALA D 63 -22.63 10.56 -19.91
C ALA D 63 -22.38 9.68 -18.69
N SER D 64 -21.43 8.78 -18.82
CA SER D 64 -20.89 7.96 -17.76
C SER D 64 -19.52 8.51 -17.52
N PHE D 65 -19.04 8.50 -16.27
CA PHE D 65 -17.69 9.01 -16.04
C PHE D 65 -16.93 8.13 -15.07
N LEU D 66 -15.59 8.19 -15.20
CA LEU D 66 -14.64 7.51 -14.34
C LEU D 66 -13.60 8.53 -13.91
N THR D 67 -13.45 8.74 -12.61
CA THR D 67 -12.49 9.71 -12.11
C THR D 67 -11.72 9.12 -10.93
N SER D 68 -10.44 9.50 -10.83
CA SER D 68 -9.56 9.14 -9.74
C SER D 68 -8.79 10.37 -9.26
N PHE D 69 -8.63 10.49 -7.95
CA PHE D 69 -7.90 11.61 -7.35
C PHE D 69 -7.27 11.19 -6.03
N SER D 70 -6.29 11.99 -5.58
CA SER D 70 -5.62 11.80 -4.31
C SER D 70 -5.55 13.14 -3.54
N PHE D 71 -5.82 13.10 -2.23
CA PHE D 71 -5.82 14.25 -1.34
C PHE D 71 -5.09 13.97 -0.03
N GLU D 72 -4.82 15.04 0.73
CA GLU D 72 -4.21 14.97 2.05
C GLU D 72 -4.82 16.01 2.97
N MET D 73 -5.17 15.59 4.18
CA MET D 73 -5.66 16.46 5.23
C MET D 73 -4.72 16.29 6.40
N LYS D 74 -4.24 17.42 6.92
CA LYS D 74 -3.28 17.42 8.03
C LYS D 74 -3.69 18.44 9.09
N ASP D 75 -3.63 18.02 10.37
CA ASP D 75 -3.93 18.84 11.54
C ASP D 75 -2.92 19.97 11.68
N ILE D 76 -3.36 21.11 12.21
CA ILE D 76 -2.49 22.25 12.51
C ILE D 76 -2.62 22.56 14.00
N LYS D 77 -1.52 22.97 14.63
CA LYS D 77 -1.43 23.31 16.05
C LYS D 77 -2.53 24.32 16.46
N ASP D 78 -3.16 24.06 17.62
CA ASP D 78 -4.19 24.85 18.31
C ASP D 78 -5.59 24.81 17.67
N TYR D 79 -5.70 24.62 16.34
CA TYR D 79 -7.00 24.61 15.67
C TYR D 79 -7.58 23.21 15.56
N ASP D 80 -8.92 23.13 15.64
CA ASP D 80 -9.70 21.91 15.50
C ASP D 80 -9.64 21.45 14.03
N PRO D 81 -9.17 20.20 13.73
CA PRO D 81 -9.07 19.79 12.32
C PRO D 81 -10.42 19.75 11.63
N ALA D 82 -10.67 20.77 10.80
CA ALA D 82 -11.93 20.97 10.08
C ALA D 82 -11.72 21.84 8.82
N ASP D 83 -12.62 21.81 7.81
CA ASP D 83 -13.92 21.11 7.83
C ASP D 83 -14.02 19.93 6.86
N GLY D 84 -13.04 19.80 5.99
CA GLY D 84 -13.02 18.70 5.02
C GLY D 84 -13.13 19.16 3.59
N ILE D 85 -12.96 18.21 2.65
CA ILE D 85 -12.93 18.42 1.21
C ILE D 85 -14.20 17.83 0.56
N ILE D 86 -14.72 18.52 -0.46
CA ILE D 86 -15.83 18.02 -1.24
C ILE D 86 -15.43 18.03 -2.73
N PHE D 87 -15.61 16.88 -3.39
CA PHE D 87 -15.43 16.72 -4.83
C PHE D 87 -16.82 17.02 -5.35
N PHE D 88 -16.96 18.04 -6.21
CA PHE D 88 -18.30 18.43 -6.59
C PHE D 88 -18.45 18.69 -8.08
N ILE D 89 -19.73 18.73 -8.50
CA ILE D 89 -20.22 18.95 -9.85
C ILE D 89 -21.27 20.04 -9.71
N ALA D 90 -21.17 21.11 -10.49
CA ALA D 90 -22.08 22.24 -10.40
C ALA D 90 -22.29 22.95 -11.77
N PRO D 91 -23.28 23.88 -11.94
CA PRO D 91 -23.41 24.59 -13.24
C PRO D 91 -22.14 25.37 -13.58
N GLU D 92 -21.81 25.53 -14.88
CA GLU D 92 -20.57 26.18 -15.33
C GLU D 92 -20.28 27.58 -14.71
N ASP D 93 -21.31 28.33 -14.33
CA ASP D 93 -21.17 29.67 -13.74
C ASP D 93 -20.90 29.65 -12.22
N THR D 94 -20.80 28.44 -11.59
CA THR D 94 -20.63 28.28 -10.14
C THR D 94 -19.51 29.17 -9.55
N GLN D 95 -19.81 29.79 -8.40
CA GLN D 95 -18.90 30.63 -7.62
C GLN D 95 -19.06 30.29 -6.13
N ILE D 96 -18.12 30.72 -5.29
CA ILE D 96 -18.26 30.50 -3.83
C ILE D 96 -19.55 31.22 -3.39
N PRO D 97 -20.50 30.59 -2.65
CA PRO D 97 -21.73 31.31 -2.26
C PRO D 97 -21.44 32.64 -1.57
N ALA D 98 -22.12 33.72 -2.00
CA ALA D 98 -21.94 35.09 -1.50
C ALA D 98 -22.10 35.17 0.02
N GLY D 99 -21.10 35.75 0.69
CA GLY D 99 -21.07 35.88 2.15
C GLY D 99 -20.95 34.56 2.88
N SER D 100 -20.21 33.60 2.27
CA SER D 100 -19.97 32.24 2.76
C SER D 100 -19.43 32.27 4.18
N ILE D 101 -20.06 31.45 5.06
CA ILE D 101 -19.64 31.37 6.47
C ILE D 101 -18.58 30.26 6.63
N GLY D 102 -18.12 29.67 5.53
CA GLY D 102 -17.16 28.58 5.56
C GLY D 102 -17.71 27.42 6.37
N GLY D 103 -16.89 26.88 7.25
CA GLY D 103 -17.27 25.81 8.17
C GLY D 103 -17.91 24.60 7.52
N GLY D 104 -19.08 24.21 8.04
CA GLY D 104 -19.84 23.05 7.61
C GLY D 104 -20.47 23.12 6.23
N THR D 105 -20.48 24.32 5.60
CA THR D 105 -21.03 24.58 4.26
C THR D 105 -20.08 24.05 3.15
N LEU D 106 -18.87 23.53 3.55
CA LEU D 106 -17.79 22.99 2.73
C LEU D 106 -17.43 23.87 1.47
N GLY D 107 -17.84 25.15 1.51
CA GLY D 107 -17.65 26.12 0.45
C GLY D 107 -18.55 25.99 -0.75
N VAL D 108 -19.60 25.15 -0.66
CA VAL D 108 -20.52 24.90 -1.78
C VAL D 108 -21.97 25.27 -1.44
N SER D 109 -22.28 25.64 -0.19
CA SER D 109 -23.67 25.93 0.19
C SER D 109 -23.81 27.21 1.04
N ASP D 110 -25.07 27.64 1.30
CA ASP D 110 -25.40 28.79 2.15
C ASP D 110 -25.38 28.37 3.64
N THR D 111 -25.77 29.27 4.57
CA THR D 111 -25.80 29.02 6.02
C THR D 111 -26.77 27.86 6.37
N LYS D 112 -27.91 27.76 5.67
CA LYS D 112 -28.91 26.70 5.86
C LYS D 112 -28.42 25.34 5.29
N GLY D 113 -27.32 25.36 4.54
CA GLY D 113 -26.74 24.17 3.93
C GLY D 113 -27.26 23.82 2.56
N ALA D 114 -27.99 24.76 1.91
CA ALA D 114 -28.55 24.57 0.58
C ALA D 114 -27.63 25.14 -0.50
N GLY D 115 -27.60 24.48 -1.65
CA GLY D 115 -26.82 24.88 -2.82
C GLY D 115 -27.28 24.22 -4.10
N HIS D 116 -26.53 24.46 -5.18
CA HIS D 116 -26.79 23.89 -6.50
C HIS D 116 -25.53 23.13 -6.89
N PHE D 117 -25.48 21.85 -6.50
CA PHE D 117 -24.33 20.95 -6.69
C PHE D 117 -24.65 19.49 -6.37
N VAL D 118 -23.84 18.58 -6.91
CA VAL D 118 -23.85 17.15 -6.58
C VAL D 118 -22.40 16.87 -6.15
N GLY D 119 -22.21 16.27 -4.98
CA GLY D 119 -20.85 16.01 -4.51
C GLY D 119 -20.59 14.82 -3.63
N VAL D 120 -19.28 14.51 -3.47
CA VAL D 120 -18.75 13.45 -2.62
C VAL D 120 -17.90 14.17 -1.56
N GLU D 121 -18.42 14.22 -0.31
CA GLU D 121 -17.75 14.93 0.78
C GLU D 121 -16.95 14.00 1.70
N PHE D 122 -15.78 14.50 2.11
CA PHE D 122 -14.84 13.87 3.03
C PHE D 122 -14.83 14.76 4.25
N ASP D 123 -15.90 14.67 5.05
CA ASP D 123 -16.23 15.48 6.23
C ASP D 123 -15.51 15.04 7.49
N THR D 124 -14.78 15.99 8.10
CA THR D 124 -13.95 15.79 9.29
C THR D 124 -14.48 16.51 10.55
N TYR D 125 -15.69 17.10 10.50
CA TYR D 125 -16.31 17.73 11.69
C TYR D 125 -17.83 17.46 11.71
N SER D 126 -18.40 17.18 12.90
CA SER D 126 -19.83 16.92 13.05
C SER D 126 -20.65 18.19 13.33
N ASN D 127 -21.38 18.66 12.30
CA ASN D 127 -22.30 19.79 12.38
C ASN D 127 -23.70 19.28 12.64
N SER D 128 -24.27 19.59 13.80
CA SER D 128 -25.63 19.17 14.13
C SER D 128 -26.66 19.92 13.27
N GLU D 129 -26.31 21.17 12.85
CA GLU D 129 -27.15 22.04 12.01
C GLU D 129 -27.38 21.43 10.60
N TYR D 130 -26.49 20.50 10.15
CA TYR D 130 -26.63 19.83 8.86
C TYR D 130 -26.86 18.31 9.05
N ASN D 131 -27.27 17.90 10.27
CA ASN D 131 -27.54 16.51 10.69
C ASN D 131 -26.40 15.55 10.32
N ASP D 132 -25.16 15.96 10.62
CA ASP D 132 -23.96 15.16 10.37
C ASP D 132 -23.90 13.92 11.26
N PRO D 133 -23.38 12.76 10.78
CA PRO D 133 -23.22 11.60 11.70
C PRO D 133 -22.18 11.94 12.79
N PRO D 134 -22.09 11.16 13.91
CA PRO D 134 -21.18 11.57 15.00
C PRO D 134 -19.68 11.56 14.72
N THR D 135 -19.20 10.73 13.77
CA THR D 135 -17.77 10.64 13.46
C THR D 135 -17.44 11.16 12.04
N ASP D 136 -16.14 11.15 11.65
CA ASP D 136 -15.67 11.49 10.30
C ASP D 136 -16.41 10.63 9.29
N HIS D 137 -16.72 11.18 8.11
CA HIS D 137 -17.51 10.40 7.15
C HIS D 137 -17.31 10.82 5.72
N VAL D 138 -17.68 9.92 4.81
CA VAL D 138 -17.75 10.11 3.36
C VAL D 138 -19.26 10.23 3.11
N GLY D 139 -19.69 11.27 2.38
CA GLY D 139 -21.11 11.51 2.13
C GLY D 139 -21.48 11.88 0.71
N ILE D 140 -22.60 11.35 0.22
CA ILE D 140 -23.12 11.69 -1.13
C ILE D 140 -24.16 12.82 -0.96
N ASP D 141 -23.82 14.00 -1.51
CA ASP D 141 -24.58 15.24 -1.38
C ASP D 141 -25.33 15.62 -2.65
N VAL D 142 -26.60 16.00 -2.51
CA VAL D 142 -27.43 16.43 -3.64
C VAL D 142 -28.10 17.73 -3.23
N ASN D 143 -27.51 18.87 -3.69
CA ASN D 143 -27.96 20.24 -3.44
C ASN D 143 -28.01 20.59 -1.94
N SER D 144 -27.28 19.83 -1.10
CA SER D 144 -27.26 20.05 0.34
C SER D 144 -26.08 19.37 1.00
N VAL D 145 -25.54 20.00 2.07
CA VAL D 145 -24.46 19.42 2.88
C VAL D 145 -25.09 18.49 3.94
N ASP D 146 -26.44 18.40 3.95
CA ASP D 146 -27.18 17.43 4.75
C ASP D 146 -27.30 16.25 3.78
N SER D 147 -26.27 15.37 3.83
CA SER D 147 -26.04 14.23 2.93
C SER D 147 -27.26 13.33 2.73
N VAL D 148 -27.43 12.85 1.50
CA VAL D 148 -28.45 11.88 1.10
C VAL D 148 -28.08 10.54 1.80
N LYS D 149 -26.78 10.25 1.86
CA LYS D 149 -26.23 9.06 2.49
C LYS D 149 -24.81 9.33 2.97
N THR D 150 -24.41 8.68 4.09
CA THR D 150 -23.08 8.76 4.68
C THR D 150 -22.56 7.38 5.04
N VAL D 151 -21.24 7.28 5.11
CA VAL D 151 -20.58 6.06 5.54
C VAL D 151 -19.50 6.46 6.56
N PRO D 152 -19.40 5.78 7.74
CA PRO D 152 -18.34 6.14 8.69
C PRO D 152 -16.95 5.94 8.08
N TRP D 153 -16.06 6.87 8.38
CA TRP D 153 -14.72 6.96 7.82
C TRP D 153 -13.80 7.57 8.89
N ASN D 154 -12.50 7.59 8.64
CA ASN D 154 -11.53 8.17 9.56
C ASN D 154 -10.53 8.97 8.76
N SER D 155 -10.44 10.28 9.06
CA SER D 155 -9.47 11.16 8.41
C SER D 155 -8.18 11.14 9.21
N VAL D 156 -7.13 10.54 8.64
CA VAL D 156 -5.84 10.39 9.31
C VAL D 156 -4.94 11.57 8.87
N SER D 157 -4.46 12.34 9.86
CA SER D 157 -3.61 13.52 9.65
C SER D 157 -2.30 13.13 8.97
N GLY D 158 -2.02 13.82 7.84
CA GLY D 158 -0.82 13.63 7.04
C GLY D 158 -0.82 12.43 6.13
N ALA D 159 -1.95 11.72 6.06
CA ALA D 159 -2.08 10.51 5.25
C ALA D 159 -2.59 10.83 3.85
N VAL D 160 -2.00 10.15 2.86
CA VAL D 160 -2.41 10.28 1.47
C VAL D 160 -3.55 9.28 1.27
N VAL D 161 -4.67 9.77 0.72
CA VAL D 161 -5.91 9.04 0.48
C VAL D 161 -6.19 8.99 -1.05
N LYS D 162 -6.52 7.80 -1.58
CA LYS D 162 -6.85 7.58 -2.99
C LYS D 162 -8.35 7.36 -3.10
N VAL D 163 -8.97 7.94 -4.13
CA VAL D 163 -10.42 7.86 -4.38
C VAL D 163 -10.66 7.43 -5.85
N THR D 164 -11.62 6.53 -6.06
CA THR D 164 -12.08 6.07 -7.37
C THR D 164 -13.60 6.22 -7.40
N VAL D 165 -14.10 6.96 -8.41
CA VAL D 165 -15.52 7.27 -8.58
C VAL D 165 -15.99 6.83 -9.96
N ILE D 166 -17.07 6.04 -9.98
CA ILE D 166 -17.72 5.57 -11.21
C ILE D 166 -19.16 6.09 -11.20
N TYR D 167 -19.55 6.77 -12.28
CA TYR D 167 -20.95 7.10 -12.51
C TYR D 167 -21.45 6.31 -13.74
N ASP D 168 -22.40 5.40 -13.53
CA ASP D 168 -23.03 4.59 -14.59
C ASP D 168 -24.32 5.32 -14.99
N SER D 169 -24.37 5.86 -16.22
CA SER D 169 -25.52 6.65 -16.68
C SER D 169 -26.84 5.86 -16.76
N SER D 170 -26.79 4.57 -17.17
CA SER D 170 -27.97 3.70 -17.32
C SER D 170 -28.71 3.43 -15.98
N THR D 171 -27.98 3.05 -14.91
CA THR D 171 -28.57 2.81 -13.59
C THR D 171 -28.60 4.09 -12.73
N LYS D 172 -28.00 5.21 -13.22
CA LYS D 172 -27.87 6.50 -12.51
C LYS D 172 -27.11 6.32 -11.16
N THR D 173 -26.20 5.34 -11.09
CA THR D 173 -25.47 5.00 -9.86
C THR D 173 -24.14 5.72 -9.81
N LEU D 174 -23.93 6.46 -8.72
CA LEU D 174 -22.68 7.09 -8.35
C LEU D 174 -22.00 6.18 -7.28
N SER D 175 -20.89 5.52 -7.64
CA SER D 175 -20.13 4.60 -6.79
C SER D 175 -18.78 5.21 -6.41
N VAL D 176 -18.41 5.11 -5.11
CA VAL D 176 -17.18 5.68 -4.55
C VAL D 176 -16.40 4.60 -3.77
N ALA D 177 -15.09 4.51 -4.02
CA ALA D 177 -14.14 3.64 -3.32
C ALA D 177 -13.00 4.50 -2.80
N VAL D 178 -12.83 4.51 -1.49
CA VAL D 178 -11.84 5.32 -0.78
C VAL D 178 -10.80 4.41 -0.14
N THR D 179 -9.52 4.58 -0.53
CA THR D 179 -8.39 3.76 -0.03
C THR D 179 -7.65 4.52 1.07
N ASN D 180 -7.84 4.08 2.33
CA ASN D 180 -7.18 4.61 3.53
C ASN D 180 -5.70 4.20 3.59
N ASP D 181 -4.92 4.92 4.42
CA ASP D 181 -3.48 4.73 4.63
C ASP D 181 -3.15 3.33 5.18
N ASN D 182 -4.01 2.79 6.06
CA ASN D 182 -3.83 1.48 6.68
C ASN D 182 -4.18 0.29 5.74
N GLY D 183 -4.56 0.60 4.50
CA GLY D 183 -4.87 -0.38 3.48
C GLY D 183 -6.33 -0.69 3.23
N ASP D 184 -7.21 -0.39 4.21
CA ASP D 184 -8.66 -0.65 4.14
C ASP D 184 -9.35 0.20 3.08
N ILE D 185 -10.44 -0.32 2.52
CA ILE D 185 -11.26 0.39 1.54
C ILE D 185 -12.61 0.72 2.15
N THR D 186 -13.11 1.93 1.87
CA THR D 186 -14.43 2.39 2.31
C THR D 186 -15.23 2.74 1.07
N THR D 187 -16.42 2.16 0.95
CA THR D 187 -17.29 2.42 -0.19
C THR D 187 -18.59 3.04 0.22
N ILE D 188 -19.22 3.72 -0.74
CA ILE D 188 -20.54 4.34 -0.65
C ILE D 188 -21.06 4.50 -2.07
N ALA D 189 -22.30 4.05 -2.30
CA ALA D 189 -22.96 4.16 -3.59
C ALA D 189 -24.38 4.66 -3.39
N GLN D 190 -24.85 5.51 -4.32
CA GLN D 190 -26.17 6.14 -4.28
C GLN D 190 -26.67 6.45 -5.67
N VAL D 191 -27.96 6.21 -5.91
CA VAL D 191 -28.61 6.54 -7.18
C VAL D 191 -28.82 8.05 -7.18
N VAL D 192 -28.21 8.75 -8.15
CA VAL D 192 -28.32 10.20 -8.30
C VAL D 192 -28.62 10.50 -9.77
N ASP D 193 -29.79 11.08 -10.05
CA ASP D 193 -30.18 11.43 -11.41
C ASP D 193 -29.52 12.76 -11.77
N LEU D 194 -28.33 12.70 -12.41
CA LEU D 194 -27.57 13.89 -12.83
C LEU D 194 -28.37 14.70 -13.86
N LYS D 195 -29.11 14.04 -14.77
CA LYS D 195 -29.92 14.74 -15.78
C LYS D 195 -31.00 15.64 -15.13
N ALA D 196 -31.56 15.24 -13.97
CA ALA D 196 -32.62 15.98 -13.26
C ALA D 196 -32.10 17.01 -12.27
N LYS D 197 -30.88 16.81 -11.73
CA LYS D 197 -30.38 17.73 -10.71
C LYS D 197 -29.38 18.80 -11.25
N LEU D 198 -28.70 18.53 -12.38
CA LEU D 198 -27.68 19.41 -12.98
C LEU D 198 -27.98 19.83 -14.43
N PRO D 199 -27.48 21.00 -14.92
CA PRO D 199 -27.71 21.39 -16.32
C PRO D 199 -26.86 20.59 -17.34
N GLU D 200 -27.05 20.87 -18.67
CA GLU D 200 -26.37 20.19 -19.80
C GLU D 200 -24.84 20.21 -19.69
N ARG D 201 -24.26 21.43 -19.56
CA ARG D 201 -22.82 21.64 -19.40
C ARG D 201 -22.58 21.96 -17.94
N VAL D 202 -21.59 21.29 -17.32
CA VAL D 202 -21.28 21.46 -15.90
C VAL D 202 -19.77 21.58 -15.68
N LYS D 203 -19.37 22.05 -14.48
CA LYS D 203 -17.96 22.08 -14.14
C LYS D 203 -17.70 21.13 -12.98
N PHE D 204 -16.54 20.48 -13.02
CA PHE D 204 -16.09 19.53 -12.01
C PHE D 204 -14.93 20.14 -11.21
N GLY D 205 -14.84 19.80 -9.93
CA GLY D 205 -13.77 20.29 -9.09
C GLY D 205 -13.77 19.89 -7.64
N PHE D 206 -13.03 20.65 -6.84
CA PHE D 206 -12.82 20.43 -5.42
C PHE D 206 -13.03 21.70 -4.62
N SER D 207 -13.48 21.56 -3.39
CA SER D 207 -13.72 22.67 -2.47
C SER D 207 -13.41 22.26 -1.04
N ALA D 208 -12.95 23.20 -0.23
CA ALA D 208 -12.70 23.01 1.21
C ALA D 208 -12.93 24.33 1.94
N SER D 209 -13.16 24.26 3.26
CA SER D 209 -13.46 25.42 4.10
C SER D 209 -12.99 25.26 5.57
N GLY D 210 -13.05 26.38 6.28
CA GLY D 210 -12.69 26.52 7.69
C GLY D 210 -13.56 27.55 8.36
N SER D 211 -13.34 27.81 9.66
CA SER D 211 -14.08 28.79 10.46
C SER D 211 -13.10 29.53 11.38
N LEU D 212 -13.58 30.15 12.46
CA LEU D 212 -12.71 30.85 13.40
C LEU D 212 -11.78 29.84 14.14
N GLY D 213 -12.38 28.82 14.78
CA GLY D 213 -11.62 27.80 15.51
C GLY D 213 -11.39 26.48 14.80
N GLY D 214 -12.04 26.27 13.66
CA GLY D 214 -11.92 25.03 12.89
C GLY D 214 -11.13 25.19 11.61
N ARG D 215 -9.84 24.84 11.65
CA ARG D 215 -8.94 24.95 10.50
C ARG D 215 -7.99 23.76 10.44
N GLN D 216 -7.53 23.42 9.22
CA GLN D 216 -6.62 22.31 8.89
C GLN D 216 -6.12 22.49 7.44
N ILE D 217 -5.07 21.76 7.08
CA ILE D 217 -4.51 21.76 5.73
C ILE D 217 -5.36 20.82 4.86
N HIS D 218 -5.77 21.33 3.68
CA HIS D 218 -6.56 20.63 2.66
C HIS D 218 -5.73 20.59 1.38
N LEU D 219 -5.28 19.41 0.91
CA LEU D 219 -4.43 19.31 -0.28
C LEU D 219 -4.95 18.38 -1.35
N ILE D 220 -4.94 18.83 -2.64
CA ILE D 220 -5.25 18.00 -3.81
C ILE D 220 -3.93 17.69 -4.52
N ARG D 221 -3.54 16.40 -4.49
CA ARG D 221 -2.25 15.93 -5.00
C ARG D 221 -2.28 15.58 -6.48
N SER D 222 -3.35 14.90 -6.97
CA SER D 222 -3.47 14.46 -8.35
C SER D 222 -4.95 14.26 -8.73
N TRP D 223 -5.25 14.24 -10.05
CA TRP D 223 -6.61 14.09 -10.57
C TRP D 223 -6.61 13.61 -12.02
N SER D 224 -7.32 12.51 -12.26
CA SER D 224 -7.53 11.88 -13.57
C SER D 224 -9.04 11.71 -13.83
N PHE D 225 -9.52 12.15 -15.01
CA PHE D 225 -10.95 12.04 -15.36
C PHE D 225 -11.15 11.59 -16.83
N THR D 226 -12.24 10.85 -17.07
CA THR D 226 -12.65 10.47 -18.41
C THR D 226 -14.18 10.29 -18.43
N SER D 227 -14.87 11.13 -19.26
CA SER D 227 -16.32 11.08 -19.44
C SER D 227 -16.66 10.76 -20.89
N THR D 228 -17.61 9.87 -21.10
CA THR D 228 -18.02 9.51 -22.46
C THR D 228 -19.52 9.64 -22.57
N LEU D 229 -19.94 10.40 -23.57
CA LEU D 229 -21.34 10.63 -23.88
C LEU D 229 -21.59 10.10 -25.29
N ILE D 230 -22.53 9.14 -25.44
CA ILE D 230 -22.90 8.55 -26.73
C ILE D 230 -23.66 9.62 -27.53
N THR D 231 -23.21 9.90 -28.76
CA THR D 231 -23.81 10.91 -29.64
C THR D 231 -24.64 10.26 -30.78
N THR D 232 -25.29 9.09 -30.51
CA THR D 232 -26.13 8.40 -31.50
C THR D 232 -27.33 7.70 -30.81
C4 QWJ E . -17.74 -19.63 -31.29
C3 QWJ E . -18.91 -20.25 -30.51
C5 QWJ E . -17.87 -19.99 -32.76
C1 QWJ E . -19.05 -22.01 -32.28
C2 QWJ E . -19.00 -21.75 -30.78
C6 QWJ E . -16.72 -19.49 -33.61
C10 QWJ E . -20.66 -23.85 -36.99
C9 QWJ E . -19.82 -25.03 -36.52
C11 QWJ E . -20.21 -22.56 -36.30
C7 QWJ E . -19.32 -23.75 -34.46
C8 QWJ E . -19.76 -25.10 -35.00
C12 QWJ E . -21.17 -21.40 -36.57
C13 QWJ E . -22.62 -19.91 -38.49
C14 QWJ E . -23.34 -20.44 -39.59
C15 QWJ E . -23.94 -20.90 -40.49
O5 QWJ E . -17.93 -21.42 -32.92
O2 QWJ E . -20.14 -22.30 -30.14
O3 QWJ E . -18.78 -20.00 -29.12
O4 QWJ E . -16.51 -20.14 -30.78
O6 QWJ E . -17.14 -19.21 -34.93
O11 QWJ E . -20.23 -22.74 -34.88
O8 QWJ E . -18.85 -26.12 -34.59
O9 QWJ E . -20.37 -26.24 -37.03
O10 QWJ E . -20.51 -23.70 -38.40
S1 QWJ E . -19.14 -23.77 -32.65
S12 QWJ E . -21.00 -20.68 -38.22
HC4 QWJ E . -17.78 -18.56 -31.18
HC3 QWJ E . -19.82 -19.77 -30.85
HC5 QWJ E . -18.78 -19.57 -33.16
HC1 QWJ E . -19.96 -21.56 -32.68
HC2 QWJ E . -18.10 -22.21 -30.37
HC6B QWJ E . -16.21 -18.65 -33.14
HC6A QWJ E . -15.99 -20.28 -33.74
HC10 QWJ E . -21.70 -24.03 -36.75
HC9 QWJ E . -18.81 -24.91 -36.90
HC11 QWJ E . -19.22 -22.26 -36.63
HC7 QWJ E . -18.34 -23.51 -34.85
HC8 QWJ E . -20.76 -25.33 -34.62
H12B QWJ E . -22.19 -21.72 -36.49
H12A QWJ E . -21.03 -20.64 -35.81
H13A QWJ E . -23.23 -19.92 -37.59
H13B QWJ E . -22.37 -18.86 -38.68
HC15 QWJ E . -24.50 -21.34 -41.32
HO2 QWJ E . -20.89 -22.34 -30.77
HO3 QWJ E . -18.98 -20.85 -28.64
HO4 QWJ E . -15.88 -19.38 -30.76
HO6 QWJ E . -17.53 -20.02 -35.33
HO8 QWJ E . -19.37 -26.94 -34.46
HO9 QWJ E . -19.66 -26.70 -37.53
HO10 QWJ E . -20.91 -24.51 -38.81
MN MN F . -22.19 -12.69 -23.95
CA CA G . -20.57 -15.16 -26.78
C4 QWJ H . 9.77 -23.70 31.79
C3 QWJ H . 10.70 -24.71 31.12
C5 QWJ H . 9.70 -23.99 33.29
C1 QWJ H . 10.15 -26.30 32.97
C2 QWJ H . 10.27 -26.13 31.45
C6 QWJ H . 8.74 -23.09 34.02
C10 QWJ H . 10.67 -28.24 37.89
C9 QWJ H . 9.50 -29.09 37.39
C11 QWJ H . 10.77 -26.94 37.10
C7 QWJ H . 9.66 -27.88 35.23
C8 QWJ H . 9.54 -29.26 35.88
C12 QWJ H . 12.05 -26.17 37.39
C13 QWJ H . 13.75 -24.89 39.25
C14 QWJ H . 14.11 -24.94 40.62
C15 QWJ H . 14.40 -24.93 41.76
O5 QWJ H . 9.26 -25.33 33.51
O2 QWJ H . 11.21 -27.06 30.91
O3 QWJ H . 10.72 -24.51 29.71
O4 QWJ H . 8.48 -23.78 31.23
O6 QWJ H . 9.13 -22.88 35.37
O11 QWJ H . 10.83 -27.23 35.69
O8 QWJ H . 8.36 -29.92 35.43
O9 QWJ H . 9.53 -30.37 38.02
O10 QWJ H . 10.47 -27.92 39.26
S1 QWJ H . 9.61 -27.97 33.42
S12 QWJ H . 12.00 -25.28 38.97
HC4 QWJ H . 10.17 -22.70 31.64
HC3 QWJ H . 11.71 -24.55 31.51
HC5 QWJ H . 10.69 -23.87 33.73
HC1 QWJ H . 11.14 -26.16 33.42
HC2 QWJ H . 9.30 -26.30 31.01
HC6B QWJ H . 8.59 -22.13 33.51
HC6A QWJ H . 7.76 -23.57 34.13
HC10 QWJ H . 11.59 -28.80 37.78
HC9 QWJ H . 8.56 -28.60 37.66
HC11 QWJ H . 9.93 -26.31 37.32
HC7 QWJ H . 8.80 -27.30 35.52
HC8 QWJ H . 10.42 -29.85 35.61
H12B QWJ H . 12.90 -26.85 37.45
H12A QWJ H . 12.27 -25.48 36.58
H13A QWJ H . 14.42 -25.52 38.66
H13B QWJ H . 13.89 -23.88 38.90
HC15 QWJ H . 14.65 -24.90 42.81
HO2 QWJ H . 11.86 -27.32 31.61
HO3 QWJ H . 10.62 -25.39 29.27
HO4 QWJ H . 8.13 -22.86 31.14
HO6 QWJ H . 9.19 -23.77 35.81
HO8 QWJ H . 8.56 -30.89 35.40
HO9 QWJ H . 8.64 -30.49 38.47
HO10 QWJ H . 10.49 -28.77 39.76
MN MN I . 16.63 -19.00 24.27
CA CA J . 14.05 -20.65 26.99
MN MN K . 25.13 7.40 -6.92
CA CA L . 24.21 10.64 -9.25
C4 QWJ M . -16.44 23.80 12.70
C3 QWJ M . -17.90 24.09 12.35
C5 QWJ M . -16.18 24.16 14.17
C1 QWJ M . -17.89 25.80 14.17
C2 QWJ M . -18.26 25.53 12.71
C6 QWJ M . -14.74 23.98 14.58
C10 QWJ M . -18.24 27.37 19.24
C9 QWJ M . -17.90 28.70 18.57
C11 QWJ M . -17.79 26.20 18.38
C7 QWJ M . -17.85 27.50 16.41
C8 QWJ M . -18.39 28.73 17.13
C12 QWJ M . -18.31 24.85 18.89
C13 QWJ M . -18.86 23.39 21.22
C14 QWJ M . -19.66 24.27 22.03
C15 QWJ M . -20.33 25.04 22.61
O5 QWJ M . -16.52 25.53 14.40
O2 QWJ M . -19.65 25.76 12.49
O3 QWJ M . -18.15 23.84 10.98
O4 QWJ M . -15.59 24.57 11.87
O6 QWJ M . -14.64 23.63 15.95
O11 QWJ M . -18.31 26.32 17.05
O8 QWJ M . -17.93 29.91 16.49
O9 QWJ M . -18.50 29.77 19.30
O10 QWJ M . -17.59 27.30 20.50
S1 QWJ M . -18.29 27.50 14.65
S12 QWJ M . -17.48 24.22 20.38
HC4 QWJ M . -16.24 22.74 12.55
HC3 QWJ M . -18.54 23.42 12.94
HC5 QWJ M . -16.80 23.53 14.81
HC1 QWJ M . -18.50 25.17 14.82
HC2 QWJ M . -17.67 26.19 12.08
HC6B QWJ M . -14.24 23.26 13.94
HC6A QWJ M . -14.22 24.92 14.52
HC10 QWJ M . -19.32 27.31 19.38
HC9 QWJ M . -16.83 28.82 18.59
HC11 QWJ M . -16.70 26.15 18.36
HC7 QWJ M . -16.77 27.52 16.46
HC8 QWJ M . -19.47 28.71 17.12
H12B QWJ M . -19.35 24.93 19.17
H12A QWJ M . -18.25 24.12 18.09
H13A QWJ M . -19.48 22.92 20.47
H13B QWJ M . -18.41 22.60 21.83
HC15 QWJ M . -20.96 25.76 23.14
HO2 QWJ M . -20.15 25.64 13.34
HO3 QWJ M . -18.67 24.61 10.62
HO4 QWJ M . -14.84 23.97 11.60
HO6 QWJ M . -15.07 24.35 16.49
HO8 QWJ M . -18.66 30.59 16.58
HO9 QWJ M . -17.78 30.40 19.55
HO10 QWJ M . -17.98 28.02 21.07
MN MN N . -21.35 15.57 6.36
CA CA O . -19.39 18.78 8.69
#